data_9FBO
#
_entry.id   9FBO
#
_cell.length_a   225.739
_cell.length_b   225.739
_cell.length_c   65.311
_cell.angle_alpha   90
_cell.angle_beta   90
_cell.angle_gamma   120
#
_symmetry.space_group_name_H-M   'H 3'
#
loop_
_entity.id
_entity.type
_entity.pdbx_description
1 polymer 'Chitinase 60'
2 non-polymer 'SODIUM ION'
3 non-polymer '2-(N-MORPHOLINO)-ETHANESULFONIC ACID'
4 water water
#
_entity_poly.entity_id   1
_entity_poly.type   'polypeptide(L)'
_entity_poly.pdbx_seq_one_letter_code
;GTITSQDDNVVVGYWHNWCDGRGYQGGNAPCVELKTVNPQYNVVNISFMKVYDIAEGRIPTFKLDPTIALSEAEFIAQID
TLNSQGRSVLIALGGADAHIELTRGDEDALAAEIIRLTDLYGFDGLDIDLEQAAITAKDNQFVIPAALKMVKEHYRKTGD
NFMITMAPEFPYLTANGAYTPYLTELDGYYDFINPQFYNQGGDGLWIEGVGWIAQNNDALKEEFIYYIADSLINGTRNYH
KIPHDKLVFGLPSNIDAAATGYIQDPQDLYKAFDRLKAQGQPLRGVMTWSVNWDMGTDAANNSYNQQFIKDYGNFIHNQL
PPVTDMTPTLSGIVDTRVELDSHFDPLIGITAKDYQGNDITADVTVSGSVNTNQVGDYLLTYSVSSDDETTNQPRKITVY
VSDDDWQVGSTYVKDDKVTHNGATWTAQWWTKGEEPGTTGEWGVWR
;
_entity_poly.pdbx_strand_id   A,B
#
# COMPACT_ATOMS: atom_id res chain seq x y z
N GLY A 1 -19.57 34.52 10.65
CA GLY A 1 -18.50 35.12 9.83
C GLY A 1 -18.47 34.55 8.41
N THR A 2 -17.67 35.19 7.54
CA THR A 2 -17.50 34.77 6.15
C THR A 2 -16.34 33.78 6.09
N ILE A 3 -16.23 33.06 4.95
CA ILE A 3 -15.25 32.00 4.81
C ILE A 3 -13.90 32.61 4.46
N THR A 4 -12.95 32.52 5.41
CA THR A 4 -11.55 32.88 5.22
C THR A 4 -10.71 31.68 4.77
N SER A 5 -10.37 31.66 3.47
CA SER A 5 -9.54 30.59 2.91
C SER A 5 -8.06 30.91 3.07
N GLN A 6 -7.29 30.01 3.69
CA GLN A 6 -5.82 30.12 3.72
C GLN A 6 -5.23 29.76 2.37
N ASP A 7 -4.36 30.64 1.84
CA ASP A 7 -3.87 30.60 0.47
C ASP A 7 -2.33 30.64 0.37
N ASP A 8 -1.63 30.98 1.46
CA ASP A 8 -0.18 30.90 1.52
C ASP A 8 0.19 29.61 2.26
N ASN A 9 1.46 29.42 2.65
CA ASN A 9 1.87 28.19 3.27
C ASN A 9 1.19 28.23 4.62
N VAL A 10 1.09 27.06 5.27
CA VAL A 10 0.27 26.95 6.46
C VAL A 10 1.00 26.20 7.54
N VAL A 11 0.89 26.71 8.76
CA VAL A 11 1.04 25.88 9.92
C VAL A 11 -0.34 25.63 10.49
N VAL A 12 -0.57 24.39 10.94
CA VAL A 12 -1.88 23.87 11.25
C VAL A 12 -1.85 23.33 12.66
N GLY A 13 -2.91 23.64 13.45
CA GLY A 13 -2.91 23.31 14.85
C GLY A 13 -4.28 22.83 15.32
N TYR A 14 -4.29 21.67 15.97
CA TYR A 14 -5.53 21.16 16.48
C TYR A 14 -5.74 21.83 17.83
N TRP A 15 -7.00 22.17 18.11
CA TRP A 15 -7.43 22.83 19.32
C TRP A 15 -8.38 21.91 20.07
N HIS A 16 -8.04 21.59 21.31
CA HIS A 16 -8.86 20.72 22.14
C HIS A 16 -10.11 21.45 22.66
N ASN A 17 -11.25 20.85 22.34
CA ASN A 17 -12.51 21.12 22.99
C ASN A 17 -12.70 20.18 24.18
N TRP A 18 -11.64 20.03 24.98
CA TRP A 18 -11.71 19.47 26.33
C TRP A 18 -10.65 20.17 27.16
N CYS A 19 -10.65 19.89 28.47
CA CYS A 19 -9.65 20.45 29.39
C CYS A 19 -8.86 19.30 29.97
N ASP A 20 -7.72 19.66 30.57
CA ASP A 20 -6.75 18.76 31.18
C ASP A 20 -6.66 17.43 30.44
N GLY A 21 -6.05 17.47 29.23
CA GLY A 21 -5.75 16.29 28.44
C GLY A 21 -4.42 15.64 28.86
N ARG A 22 -4.45 14.33 29.13
CA ARG A 22 -3.32 13.65 29.72
C ARG A 22 -2.45 13.13 28.58
N GLY A 23 -1.12 13.22 28.72
CA GLY A 23 -0.19 12.84 27.67
C GLY A 23 0.44 11.46 27.85
N TYR A 24 1.16 10.99 26.82
CA TYR A 24 1.70 9.64 26.77
C TYR A 24 2.84 9.48 27.79
N GLN A 25 3.37 10.62 28.26
CA GLN A 25 4.36 10.69 29.33
C GLN A 25 3.85 11.65 30.42
N GLY A 26 2.55 11.49 30.77
CA GLY A 26 1.97 12.07 31.97
C GLY A 26 2.11 13.59 32.05
N GLY A 27 2.00 14.24 30.90
CA GLY A 27 1.94 15.70 30.86
C GLY A 27 0.49 16.14 31.00
N ASN A 28 0.27 17.42 30.72
CA ASN A 28 -1.05 17.98 30.72
C ASN A 28 -1.20 18.92 29.54
N ALA A 29 -2.31 18.77 28.80
CA ALA A 29 -2.74 19.80 27.87
C ALA A 29 -3.92 20.58 28.47
N PRO A 30 -3.64 21.77 29.06
CA PRO A 30 -4.68 22.60 29.62
C PRO A 30 -5.47 23.03 28.39
N CYS A 31 -6.74 23.36 28.56
CA CYS A 31 -7.46 24.06 27.52
C CYS A 31 -6.97 25.50 27.47
N VAL A 32 -7.29 26.18 26.37
CA VAL A 32 -6.77 27.50 26.10
C VAL A 32 -7.81 28.19 25.20
N GLU A 33 -7.91 29.50 25.31
CA GLU A 33 -8.84 30.19 24.44
C GLU A 33 -8.20 30.23 23.06
N LEU A 34 -9.04 30.12 22.03
CA LEU A 34 -8.59 30.35 20.68
C LEU A 34 -7.59 31.50 20.62
N LYS A 35 -8.01 32.71 21.03
CA LYS A 35 -7.20 33.91 20.86
C LYS A 35 -5.88 33.82 21.66
N THR A 36 -5.64 32.74 22.44
CA THR A 36 -4.32 32.54 23.01
C THR A 36 -3.42 31.76 22.06
N VAL A 37 -3.97 31.17 20.99
CA VAL A 37 -3.18 30.33 20.11
C VAL A 37 -2.21 31.23 19.36
N ASN A 38 -0.91 30.82 19.43
CA ASN A 38 0.17 31.54 18.81
C ASN A 38 -0.25 31.97 17.42
N PRO A 39 -0.15 33.28 17.12
CA PRO A 39 -0.59 33.81 15.81
C PRO A 39 0.05 33.28 14.52
N GLN A 40 1.07 32.41 14.67
CA GLN A 40 1.75 31.84 13.52
C GLN A 40 1.09 30.54 13.06
N TYR A 41 0.26 29.95 13.91
CA TYR A 41 -0.65 28.94 13.45
C TYR A 41 -1.84 29.59 12.76
N ASN A 42 -1.81 29.63 11.44
CA ASN A 42 -2.77 30.37 10.67
C ASN A 42 -3.81 29.41 10.15
N VAL A 43 -3.79 28.21 10.73
CA VAL A 43 -4.89 27.29 10.55
C VAL A 43 -5.08 26.57 11.86
N VAL A 44 -6.18 26.96 12.58
CA VAL A 44 -6.56 26.23 13.77
C VAL A 44 -7.79 25.41 13.45
N ASN A 45 -7.75 24.16 13.97
CA ASN A 45 -8.72 23.13 13.71
C ASN A 45 -9.39 22.76 15.02
N ILE A 46 -10.67 23.14 15.15
CA ILE A 46 -11.43 22.81 16.36
C ILE A 46 -11.79 21.31 16.40
N SER A 47 -11.54 20.71 17.57
CA SER A 47 -11.51 19.28 17.69
C SER A 47 -12.33 18.78 18.90
N PHE A 48 -13.49 18.10 18.69
CA PHE A 48 -13.91 17.41 17.47
C PHE A 48 -15.44 17.40 17.24
N MET A 49 -15.85 17.52 15.99
CA MET A 49 -17.19 17.19 15.55
C MET A 49 -17.41 15.67 15.55
N LYS A 50 -18.34 15.25 16.40
CA LYS A 50 -18.69 13.86 16.54
C LYS A 50 -20.15 13.74 16.96
N VAL A 51 -20.52 12.50 17.25
CA VAL A 51 -21.76 12.15 17.91
C VAL A 51 -21.51 12.01 19.40
N TYR A 52 -22.09 12.97 20.14
CA TYR A 52 -21.89 13.07 21.57
C TYR A 52 -22.69 11.99 22.29
N ASP A 53 -23.97 11.80 21.87
CA ASP A 53 -24.77 10.68 22.34
C ASP A 53 -25.61 10.16 21.18
N ILE A 54 -25.87 8.84 21.19
CA ILE A 54 -26.52 8.15 20.10
C ILE A 54 -27.97 8.62 19.94
N ALA A 55 -28.55 9.11 21.05
CA ALA A 55 -29.92 9.62 21.11
C ALA A 55 -30.11 10.93 20.33
N GLU A 56 -29.07 11.41 19.61
CA GLU A 56 -29.22 12.54 18.71
C GLU A 56 -29.05 12.04 17.27
N GLY A 57 -28.99 10.71 17.11
CA GLY A 57 -28.88 10.08 15.80
C GLY A 57 -27.43 9.91 15.34
N ARG A 58 -27.28 9.54 14.06
CA ARG A 58 -25.97 9.19 13.54
C ARG A 58 -25.18 10.43 13.16
N ILE A 59 -25.88 11.51 12.81
CA ILE A 59 -25.28 12.74 12.35
C ILE A 59 -24.53 13.37 13.51
N PRO A 60 -23.21 13.63 13.34
CA PRO A 60 -22.39 14.26 14.38
C PRO A 60 -22.59 15.77 14.30
N THR A 61 -22.06 16.44 15.33
CA THR A 61 -22.31 17.86 15.54
C THR A 61 -21.17 18.38 16.39
N PHE A 62 -21.21 19.66 16.81
CA PHE A 62 -20.17 20.23 17.65
C PHE A 62 -20.79 21.01 18.80
N LYS A 63 -20.30 20.79 20.03
CA LYS A 63 -20.69 21.65 21.13
C LYS A 63 -19.52 21.93 22.08
N LEU A 64 -19.29 23.22 22.30
CA LEU A 64 -18.23 23.69 23.17
C LEU A 64 -18.35 23.08 24.56
N ASP A 65 -17.24 22.57 25.08
CA ASP A 65 -17.27 21.89 26.36
C ASP A 65 -17.45 22.97 27.41
N PRO A 66 -18.53 22.87 28.21
CA PRO A 66 -18.79 23.84 29.26
C PRO A 66 -17.57 24.21 30.07
N THR A 67 -16.69 23.21 30.33
CA THR A 67 -15.55 23.38 31.22
C THR A 67 -14.56 24.40 30.64
N ILE A 68 -14.64 24.69 29.34
CA ILE A 68 -13.59 25.45 28.68
C ILE A 68 -13.55 26.86 29.25
N ALA A 69 -14.67 27.33 29.78
CA ALA A 69 -14.71 28.65 30.39
C ALA A 69 -14.76 29.70 29.29
N LEU A 70 -15.71 29.51 28.35
CA LEU A 70 -15.95 30.41 27.25
C LEU A 70 -17.42 30.45 26.84
N SER A 71 -17.99 31.64 26.78
CA SER A 71 -19.29 31.78 26.18
C SER A 71 -19.22 31.42 24.71
N GLU A 72 -20.22 30.73 24.20
CA GLU A 72 -20.33 30.50 22.77
C GLU A 72 -20.39 31.80 22.02
N ALA A 73 -20.57 32.92 22.70
CA ALA A 73 -20.59 34.21 22.02
C ALA A 73 -19.14 34.62 21.82
N GLU A 74 -18.32 34.33 22.86
CA GLU A 74 -16.90 34.63 22.90
C GLU A 74 -16.15 33.76 21.88
N PHE A 75 -16.23 32.43 22.07
CA PHE A 75 -15.81 31.47 21.08
C PHE A 75 -16.10 32.01 19.68
N ILE A 76 -17.34 32.40 19.42
CA ILE A 76 -17.62 32.80 18.05
C ILE A 76 -16.84 34.05 17.66
N ALA A 77 -16.57 34.95 18.59
CA ALA A 77 -15.94 36.22 18.26
C ALA A 77 -14.41 36.09 18.14
N GLN A 78 -13.86 35.10 18.86
CA GLN A 78 -12.46 34.74 18.83
C GLN A 78 -12.09 34.20 17.45
N ILE A 79 -13.05 33.50 16.85
CA ILE A 79 -12.94 33.00 15.50
C ILE A 79 -12.98 34.20 14.57
N ASP A 80 -13.95 35.10 14.75
CA ASP A 80 -14.02 36.31 13.94
C ASP A 80 -12.67 37.08 14.04
N THR A 81 -11.98 36.96 15.20
CA THR A 81 -10.73 37.64 15.46
C THR A 81 -9.65 37.03 14.56
N LEU A 82 -9.35 35.74 14.76
CA LEU A 82 -8.48 34.99 13.88
C LEU A 82 -8.83 35.25 12.41
N ASN A 83 -10.10 35.07 12.01
CA ASN A 83 -10.47 35.36 10.63
C ASN A 83 -9.93 36.73 10.17
N SER A 84 -10.01 37.73 11.03
CA SER A 84 -9.76 39.10 10.60
C SER A 84 -8.25 39.29 10.40
N GLN A 85 -7.51 38.65 11.30
CA GLN A 85 -6.07 38.53 11.31
C GLN A 85 -5.55 37.74 10.10
N GLY A 86 -6.47 37.26 9.23
CA GLY A 86 -6.16 36.46 8.05
C GLY A 86 -6.11 34.95 8.30
N ARG A 87 -6.00 34.51 9.59
CA ARG A 87 -6.02 33.09 9.95
C ARG A 87 -7.40 32.42 9.73
N SER A 88 -7.46 31.08 9.96
CA SER A 88 -8.53 30.22 9.47
C SER A 88 -8.86 29.20 10.54
N VAL A 89 -10.17 28.98 10.75
CA VAL A 89 -10.64 28.05 11.76
C VAL A 89 -11.47 26.95 11.14
N LEU A 90 -11.11 25.72 11.49
CA LEU A 90 -11.65 24.56 10.81
C LEU A 90 -12.28 23.68 11.87
N ILE A 91 -13.25 22.91 11.43
CA ILE A 91 -13.88 21.96 12.32
C ILE A 91 -13.37 20.60 11.93
N ALA A 92 -12.86 19.88 12.92
CA ALA A 92 -12.33 18.58 12.60
C ALA A 92 -13.40 17.55 12.92
N LEU A 93 -13.87 16.90 11.86
CA LEU A 93 -14.77 15.77 11.95
C LEU A 93 -14.08 14.49 12.38
N GLY A 94 -14.26 14.06 13.63
CA GLY A 94 -13.87 12.71 13.98
C GLY A 94 -13.20 12.64 15.35
N GLY A 95 -11.93 12.28 15.35
CA GLY A 95 -11.26 11.96 16.59
C GLY A 95 -11.61 10.54 17.00
N ALA A 96 -11.12 10.14 18.18
CA ALA A 96 -11.51 8.91 18.84
C ALA A 96 -12.99 8.95 19.25
N ASP A 97 -13.57 7.77 19.44
CA ASP A 97 -14.83 7.63 20.15
C ASP A 97 -15.86 8.59 19.56
N ALA A 98 -15.84 8.70 18.22
CA ALA A 98 -16.64 9.69 17.55
C ALA A 98 -17.95 9.06 17.11
N HIS A 99 -18.01 7.72 17.19
CA HIS A 99 -19.17 6.94 16.79
C HIS A 99 -19.71 7.46 15.46
N ILE A 100 -18.83 7.56 14.47
CA ILE A 100 -19.28 8.08 13.18
C ILE A 100 -19.49 6.90 12.24
N GLU A 101 -20.75 6.49 12.10
CA GLU A 101 -21.13 5.34 11.29
C GLU A 101 -22.31 5.76 10.42
N LEU A 102 -22.03 6.40 9.31
CA LEU A 102 -23.12 6.92 8.51
C LEU A 102 -23.58 5.88 7.52
N THR A 103 -24.90 5.79 7.30
CA THR A 103 -25.39 4.94 6.22
C THR A 103 -25.72 5.82 5.02
N ARG A 104 -25.81 5.16 3.86
CA ARG A 104 -26.09 5.85 2.61
C ARG A 104 -27.40 6.61 2.77
N GLY A 105 -27.45 7.85 2.25
CA GLY A 105 -28.59 8.72 2.41
C GLY A 105 -28.34 9.85 3.41
N ASP A 106 -27.53 9.57 4.45
CA ASP A 106 -27.18 10.56 5.47
C ASP A 106 -26.44 11.78 4.88
N GLU A 107 -25.98 11.72 3.62
CA GLU A 107 -25.23 12.84 3.04
C GLU A 107 -25.89 14.18 3.38
N ASP A 108 -27.20 14.30 3.05
CA ASP A 108 -27.89 15.57 3.11
C ASP A 108 -27.94 16.10 4.54
N ALA A 109 -28.04 15.19 5.50
CA ALA A 109 -28.11 15.59 6.90
C ALA A 109 -26.75 16.12 7.35
N LEU A 110 -25.70 15.37 7.02
CA LEU A 110 -24.34 15.76 7.36
C LEU A 110 -24.05 17.13 6.76
N ALA A 111 -24.36 17.25 5.48
CA ALA A 111 -24.10 18.50 4.76
C ALA A 111 -24.77 19.68 5.46
N ALA A 112 -26.04 19.50 5.81
CA ALA A 112 -26.87 20.57 6.34
C ALA A 112 -26.35 20.99 7.71
N GLU A 113 -25.92 19.98 8.48
CA GLU A 113 -25.38 20.20 9.80
C GLU A 113 -24.08 20.93 9.67
N ILE A 114 -23.28 20.51 8.68
CA ILE A 114 -21.98 21.14 8.47
C ILE A 114 -22.24 22.61 8.24
N ILE A 115 -23.09 22.86 7.23
CA ILE A 115 -23.48 24.21 6.85
C ILE A 115 -24.07 25.02 8.01
N ARG A 116 -24.71 24.35 8.98
CA ARG A 116 -25.32 25.09 10.06
C ARG A 116 -24.21 25.57 10.99
N LEU A 117 -23.55 24.63 11.67
CA LEU A 117 -22.32 24.84 12.43
C LEU A 117 -21.36 25.85 11.79
N THR A 118 -21.26 25.85 10.47
CA THR A 118 -20.36 26.76 9.78
C THR A 118 -20.89 28.19 9.87
N ASP A 119 -22.17 28.36 9.51
CA ASP A 119 -22.81 29.66 9.40
C ASP A 119 -22.99 30.27 10.79
N LEU A 120 -22.78 29.46 11.83
CA LEU A 120 -23.01 29.86 13.20
C LEU A 120 -21.72 30.28 13.85
N TYR A 121 -20.65 29.48 13.73
CA TYR A 121 -19.39 29.78 14.39
C TYR A 121 -18.45 30.59 13.49
N GLY A 122 -18.72 30.52 12.18
CA GLY A 122 -17.96 31.22 11.16
C GLY A 122 -16.71 30.42 10.82
N PHE A 123 -16.76 29.13 11.13
CA PHE A 123 -15.83 28.15 10.63
C PHE A 123 -15.54 28.42 9.17
N ASP A 124 -14.36 27.98 8.69
CA ASP A 124 -13.96 28.24 7.32
C ASP A 124 -13.85 26.98 6.45
N GLY A 125 -13.90 25.81 7.09
CA GLY A 125 -14.11 24.55 6.39
C GLY A 125 -13.87 23.38 7.33
N LEU A 126 -13.81 22.18 6.75
CA LEU A 126 -13.73 21.00 7.59
C LEU A 126 -12.44 20.22 7.33
N ASP A 127 -12.02 19.51 8.38
CA ASP A 127 -10.93 18.58 8.38
C ASP A 127 -11.43 17.16 8.66
N ILE A 128 -11.30 16.28 7.67
CA ILE A 128 -11.64 14.88 7.85
C ILE A 128 -10.58 14.17 8.70
N ASP A 129 -10.72 14.16 10.02
CA ASP A 129 -9.79 13.48 10.90
C ASP A 129 -10.50 12.31 11.57
N LEU A 130 -10.94 11.35 10.75
CA LEU A 130 -11.48 10.08 11.21
C LEU A 130 -10.42 9.20 11.85
N GLU A 131 -10.78 8.56 12.96
CA GLU A 131 -10.02 7.48 13.56
C GLU A 131 -10.05 6.29 12.62
N GLN A 132 -9.35 5.21 13.01
CA GLN A 132 -9.18 4.04 12.16
C GLN A 132 -10.55 3.43 11.84
N ALA A 133 -11.25 2.96 12.89
CA ALA A 133 -12.54 2.30 12.74
C ALA A 133 -13.48 3.07 11.78
N ALA A 134 -13.45 4.40 11.88
CA ALA A 134 -14.43 5.23 11.19
C ALA A 134 -14.06 5.46 9.73
N ILE A 135 -12.92 4.96 9.24
CA ILE A 135 -12.53 5.27 7.87
C ILE A 135 -13.42 4.48 6.95
N THR A 136 -13.63 3.20 7.31
CA THR A 136 -14.34 2.23 6.47
C THR A 136 -15.80 2.15 6.88
N ALA A 137 -16.04 2.11 8.21
CA ALA A 137 -17.37 2.08 8.84
C ALA A 137 -18.50 2.41 7.88
N LYS A 138 -19.39 1.43 7.74
CA LYS A 138 -20.60 1.60 6.97
C LYS A 138 -20.25 2.33 5.68
N ASP A 139 -20.88 3.49 5.48
CA ASP A 139 -20.92 4.14 4.19
C ASP A 139 -20.08 5.41 4.24
N ASN A 140 -19.32 5.55 5.33
CA ASN A 140 -18.49 6.73 5.53
C ASN A 140 -17.81 7.11 4.23
N GLN A 141 -17.14 6.14 3.61
CA GLN A 141 -16.30 6.42 2.45
C GLN A 141 -17.17 6.94 1.31
N PHE A 142 -18.48 6.80 1.42
CA PHE A 142 -19.33 7.42 0.43
C PHE A 142 -19.91 8.73 0.99
N VAL A 143 -20.52 8.60 2.17
CA VAL A 143 -21.35 9.67 2.68
C VAL A 143 -20.49 10.92 2.78
N ILE A 144 -19.40 10.81 3.55
CA ILE A 144 -18.58 11.96 3.90
C ILE A 144 -18.19 12.75 2.65
N PRO A 145 -17.53 12.13 1.66
CA PRO A 145 -17.25 12.82 0.42
C PRO A 145 -18.49 13.49 -0.17
N ALA A 146 -19.56 12.71 -0.23
CA ALA A 146 -20.79 13.18 -0.87
C ALA A 146 -21.21 14.49 -0.22
N ALA A 147 -21.19 14.50 1.12
CA ALA A 147 -21.62 15.63 1.91
C ALA A 147 -20.83 16.88 1.52
N LEU A 148 -19.51 16.70 1.61
CA LEU A 148 -18.63 17.83 1.54
C LEU A 148 -18.76 18.38 0.13
N LYS A 149 -18.93 17.47 -0.83
CA LYS A 149 -19.01 17.91 -2.21
C LYS A 149 -20.15 18.90 -2.32
N MET A 150 -21.28 18.54 -1.69
CA MET A 150 -22.47 19.37 -1.73
C MET A 150 -22.14 20.67 -1.03
N VAL A 151 -21.59 20.56 0.20
CA VAL A 151 -21.25 21.74 0.98
C VAL A 151 -20.46 22.73 0.14
N LYS A 152 -19.46 22.22 -0.60
CA LYS A 152 -18.49 23.07 -1.26
C LYS A 152 -19.22 23.89 -2.31
N GLU A 153 -20.25 23.30 -2.91
CA GLU A 153 -21.03 23.94 -3.96
C GLU A 153 -21.94 25.02 -3.39
N HIS A 154 -22.64 24.67 -2.32
CA HIS A 154 -23.36 25.68 -1.55
C HIS A 154 -22.54 26.96 -1.48
N TYR A 155 -21.30 26.85 -0.98
CA TYR A 155 -20.49 28.03 -0.75
C TYR A 155 -19.91 28.54 -2.06
N ARG A 156 -19.77 27.68 -3.07
CA ARG A 156 -19.22 28.13 -4.34
C ARG A 156 -20.19 29.10 -5.00
N LYS A 157 -21.49 28.87 -4.80
CA LYS A 157 -22.51 29.77 -5.34
C LYS A 157 -22.28 31.19 -4.85
N THR A 158 -22.22 31.37 -3.53
CA THR A 158 -21.99 32.69 -2.94
C THR A 158 -20.68 33.28 -3.49
N GLY A 159 -19.70 32.39 -3.73
CA GLY A 159 -18.36 32.78 -4.19
C GLY A 159 -17.30 32.49 -3.13
N ASP A 160 -17.56 31.52 -2.25
CA ASP A 160 -16.74 31.26 -1.09
C ASP A 160 -16.07 29.90 -1.19
N ASN A 161 -14.92 29.79 -0.53
CA ASN A 161 -14.10 28.62 -0.70
C ASN A 161 -14.11 27.86 0.61
N PHE A 162 -15.01 26.88 0.70
CA PHE A 162 -15.08 26.08 1.91
C PHE A 162 -13.82 25.24 1.92
N MET A 163 -13.02 25.38 2.97
CA MET A 163 -11.73 24.72 3.03
C MET A 163 -11.95 23.26 3.41
N ILE A 164 -11.35 22.37 2.60
CA ILE A 164 -11.41 20.96 2.94
C ILE A 164 -10.00 20.45 3.16
N THR A 165 -9.83 19.75 4.27
CA THR A 165 -8.56 19.18 4.60
C THR A 165 -8.82 17.77 5.12
N MET A 166 -7.84 16.88 5.02
CA MET A 166 -7.96 15.59 5.69
C MET A 166 -6.73 15.32 6.52
N ALA A 167 -6.80 14.27 7.32
CA ALA A 167 -5.74 14.00 8.25
C ALA A 167 -5.63 12.49 8.41
N PRO A 168 -5.48 11.78 7.27
CA PRO A 168 -5.24 10.34 7.27
C PRO A 168 -3.92 10.05 7.95
N GLU A 169 -3.85 8.89 8.61
CA GLU A 169 -2.57 8.39 9.06
C GLU A 169 -1.93 7.81 7.81
N PHE A 170 -0.59 7.89 7.66
CA PHE A 170 0.07 7.74 6.37
C PHE A 170 -0.18 6.34 5.78
N PRO A 171 -0.13 5.23 6.57
CA PRO A 171 -0.30 3.89 6.02
C PRO A 171 -1.56 3.76 5.19
N TYR A 172 -2.56 4.56 5.55
CA TYR A 172 -3.84 4.48 4.88
C TYR A 172 -3.76 5.17 3.52
N LEU A 173 -2.59 5.73 3.17
CA LEU A 173 -2.50 6.55 1.98
C LEU A 173 -1.92 5.78 0.80
N THR A 174 -1.53 4.53 1.07
CA THR A 174 -0.97 3.65 0.05
C THR A 174 -2.04 3.46 -1.01
N ALA A 175 -1.75 3.76 -2.28
CA ALA A 175 -2.81 3.63 -3.29
C ALA A 175 -3.50 2.29 -3.05
N ASN A 176 -4.78 2.21 -3.38
CA ASN A 176 -5.57 1.03 -3.01
C ASN A 176 -5.62 0.96 -1.48
N GLY A 177 -5.93 2.10 -0.88
CA GLY A 177 -5.87 2.24 0.56
C GLY A 177 -7.15 2.90 1.03
N ALA A 178 -7.46 2.71 2.33
CA ALA A 178 -8.77 3.03 2.87
C ALA A 178 -9.22 4.40 2.39
N TYR A 179 -8.30 5.39 2.39
CA TYR A 179 -8.57 6.80 2.15
C TYR A 179 -8.63 7.10 0.65
N THR A 180 -8.48 6.10 -0.20
CA THR A 180 -8.46 6.36 -1.63
C THR A 180 -9.79 6.97 -2.05
N PRO A 181 -10.93 6.42 -1.58
CA PRO A 181 -12.27 6.98 -1.87
C PRO A 181 -12.38 8.48 -1.65
N TYR A 182 -11.92 8.87 -0.45
CA TYR A 182 -11.91 10.25 -0.01
C TYR A 182 -11.08 11.11 -0.96
N LEU A 183 -9.82 10.72 -1.15
CA LEU A 183 -8.93 11.52 -1.97
C LEU A 183 -9.45 11.59 -3.40
N THR A 184 -9.90 10.44 -3.93
CA THR A 184 -10.35 10.34 -5.31
C THR A 184 -11.61 11.17 -5.49
N GLU A 185 -12.55 10.96 -4.56
CA GLU A 185 -13.83 11.61 -4.68
C GLU A 185 -13.64 13.12 -4.48
N LEU A 186 -12.70 13.52 -3.61
CA LEU A 186 -12.66 14.93 -3.20
C LEU A 186 -11.63 15.75 -3.98
N ASP A 187 -11.12 15.16 -5.07
CA ASP A 187 -10.04 15.75 -5.83
C ASP A 187 -10.54 17.05 -6.45
N GLY A 188 -9.81 18.15 -6.26
CA GLY A 188 -10.25 19.44 -6.75
C GLY A 188 -11.06 20.20 -5.70
N TYR A 189 -11.68 19.45 -4.77
CA TYR A 189 -12.44 20.00 -3.67
C TYR A 189 -11.56 20.23 -2.44
N TYR A 190 -10.62 19.33 -2.17
CA TYR A 190 -9.82 19.47 -0.97
C TYR A 190 -8.79 20.58 -1.24
N ASP A 191 -8.53 21.36 -0.19
CA ASP A 191 -7.55 22.42 -0.24
C ASP A 191 -6.14 21.88 -0.02
N PHE A 192 -5.99 20.89 0.89
CA PHE A 192 -4.69 20.35 1.21
C PHE A 192 -4.80 19.27 2.27
N ILE A 193 -3.90 18.25 2.19
CA ILE A 193 -3.95 17.10 3.07
C ILE A 193 -2.84 17.28 4.10
N ASN A 194 -3.11 16.83 5.33
CA ASN A 194 -2.20 16.99 6.45
C ASN A 194 -2.18 15.63 7.11
N PRO A 195 -1.53 14.65 6.46
CA PRO A 195 -1.45 13.31 7.01
C PRO A 195 -0.83 13.40 8.37
N GLN A 196 -1.18 12.41 9.19
CA GLN A 196 -0.49 12.16 10.43
C GLN A 196 0.72 11.28 10.11
N PHE A 197 1.92 11.87 10.18
CA PHE A 197 3.12 11.05 10.23
C PHE A 197 3.46 10.76 11.70
N TYR A 198 2.47 10.24 12.44
CA TYR A 198 2.76 9.75 13.78
C TYR A 198 1.89 8.55 14.12
N ASN A 199 2.24 7.92 15.25
CA ASN A 199 1.45 6.85 15.86
C ASN A 199 1.32 5.60 14.98
N GLN A 200 2.19 5.42 13.99
CA GLN A 200 2.22 4.15 13.29
C GLN A 200 3.64 3.60 13.38
N GLY A 201 4.21 3.68 14.60
CA GLY A 201 5.62 3.41 14.89
C GLY A 201 6.37 2.58 13.84
N GLY A 202 6.09 1.28 13.80
CA GLY A 202 6.92 0.37 13.02
C GLY A 202 6.78 0.58 11.52
N ASP A 203 5.68 1.22 11.13
CA ASP A 203 5.31 1.34 9.73
C ASP A 203 6.32 2.25 9.04
N GLY A 204 6.35 2.21 7.70
CA GLY A 204 7.15 3.14 6.93
C GLY A 204 7.34 2.67 5.49
N LEU A 205 8.59 2.79 4.96
CA LEU A 205 8.84 2.42 3.58
C LEU A 205 10.25 1.91 3.38
N TRP A 206 10.46 1.21 2.26
CA TRP A 206 11.78 0.72 1.89
C TRP A 206 12.30 1.62 0.79
N ILE A 207 13.49 2.19 0.98
CA ILE A 207 14.14 2.97 -0.06
C ILE A 207 15.35 2.20 -0.58
N GLU A 208 15.49 2.19 -1.91
CA GLU A 208 16.59 1.48 -2.53
C GLU A 208 17.88 2.22 -2.17
N GLY A 209 18.80 1.48 -1.53
CA GLY A 209 20.06 2.05 -1.06
C GLY A 209 20.07 2.26 0.44
N VAL A 210 18.96 2.76 0.99
CA VAL A 210 18.94 3.16 2.38
C VAL A 210 18.40 2.00 3.21
N GLY A 211 17.36 1.31 2.71
CA GLY A 211 16.79 0.17 3.42
C GLY A 211 15.37 0.46 3.92
N TRP A 212 15.05 -0.05 5.13
CA TRP A 212 13.73 0.08 5.72
C TRP A 212 13.70 1.27 6.67
N ILE A 213 13.07 2.36 6.22
CA ILE A 213 12.87 3.53 7.06
C ILE A 213 11.51 3.43 7.74
N ALA A 214 11.50 3.63 9.06
CA ALA A 214 10.26 3.66 9.80
C ALA A 214 10.13 4.97 10.58
N GLN A 215 8.86 5.36 10.75
CA GLN A 215 8.50 6.51 11.56
C GLN A 215 9.05 6.44 12.98
N ASN A 216 9.27 5.24 13.54
CA ASN A 216 9.83 5.13 14.88
C ASN A 216 11.34 5.38 14.89
N ASN A 217 11.97 5.58 13.71
CA ASN A 217 13.41 5.71 13.61
C ASN A 217 13.85 7.18 13.55
N ASP A 218 14.61 7.59 14.59
CA ASP A 218 15.06 8.97 14.74
C ASP A 218 16.48 9.18 14.22
N ALA A 219 17.15 8.11 13.80
CA ALA A 219 18.44 8.23 13.15
C ALA A 219 18.26 8.60 11.69
N LEU A 220 17.14 8.13 11.12
CA LEU A 220 16.82 8.36 9.72
C LEU A 220 15.57 9.21 9.54
N LYS A 221 15.33 10.11 10.48
CA LYS A 221 14.12 10.89 10.39
C LYS A 221 14.19 11.76 9.13
N GLU A 222 15.39 12.28 8.82
CA GLU A 222 15.53 13.11 7.63
C GLU A 222 15.01 12.32 6.44
N GLU A 223 15.23 11.00 6.46
CA GLU A 223 14.95 10.19 5.28
C GLU A 223 13.44 10.08 5.13
N PHE A 224 12.84 9.51 6.19
CA PHE A 224 11.40 9.39 6.35
C PHE A 224 10.67 10.62 5.80
N ILE A 225 11.03 11.78 6.35
CA ILE A 225 10.31 12.96 5.90
C ILE A 225 10.47 13.11 4.41
N TYR A 226 11.75 12.92 3.91
CA TYR A 226 12.12 13.17 2.52
C TYR A 226 11.42 12.16 1.60
N TYR A 227 11.44 10.88 1.99
CA TYR A 227 11.09 9.83 1.04
C TYR A 227 9.56 9.75 0.96
N ILE A 228 8.89 9.49 2.09
CA ILE A 228 7.44 9.42 2.09
C ILE A 228 6.90 10.66 1.40
N ALA A 229 7.54 11.81 1.69
CA ALA A 229 7.08 13.02 1.02
C ALA A 229 7.19 12.86 -0.48
N ASP A 230 8.40 12.46 -0.97
CA ASP A 230 8.66 12.44 -2.41
C ASP A 230 7.68 11.49 -3.09
N SER A 231 7.52 10.29 -2.47
CA SER A 231 6.58 9.28 -2.89
C SER A 231 5.21 9.95 -3.03
N LEU A 232 4.68 10.57 -1.97
CA LEU A 232 3.33 11.15 -2.02
C LEU A 232 3.23 12.26 -3.08
N ILE A 233 4.25 13.11 -3.16
CA ILE A 233 4.14 14.25 -4.06
C ILE A 233 4.36 13.79 -5.50
N ASN A 234 4.72 12.52 -5.68
CA ASN A 234 5.04 12.04 -7.02
C ASN A 234 4.24 10.79 -7.33
N GLY A 235 3.52 10.25 -6.34
CA GLY A 235 2.70 9.07 -6.55
C GLY A 235 3.56 7.85 -6.82
N THR A 236 4.70 7.78 -6.14
CA THR A 236 5.62 6.69 -6.37
C THR A 236 5.57 5.80 -5.13
N ARG A 237 6.36 4.73 -5.17
CA ARG A 237 6.50 3.80 -4.07
C ARG A 237 5.14 3.43 -3.48
N ASN A 238 4.15 3.25 -4.36
CA ASN A 238 2.88 2.63 -3.99
C ASN A 238 2.05 3.57 -3.13
N TYR A 239 2.08 4.86 -3.46
CA TYR A 239 1.45 5.89 -2.66
C TYR A 239 0.64 6.78 -3.59
N HIS A 240 -0.45 7.31 -3.03
CA HIS A 240 -1.39 8.07 -3.81
C HIS A 240 -0.69 9.38 -4.12
N LYS A 241 -1.02 10.03 -5.22
CA LYS A 241 -0.40 11.30 -5.51
C LYS A 241 -1.20 12.45 -4.89
N ILE A 242 -0.71 12.99 -3.77
CA ILE A 242 -1.12 14.30 -3.32
C ILE A 242 -0.19 15.36 -3.90
N PRO A 243 -0.66 16.29 -4.73
CA PRO A 243 0.20 17.37 -5.20
C PRO A 243 1.05 17.95 -4.07
N HIS A 244 2.14 18.62 -4.41
CA HIS A 244 3.05 19.12 -3.39
C HIS A 244 2.44 20.37 -2.75
N ASP A 245 1.79 21.22 -3.58
CA ASP A 245 1.11 22.42 -3.11
C ASP A 245 0.02 22.10 -2.09
N LYS A 246 -0.34 20.82 -1.92
CA LYS A 246 -1.49 20.43 -1.11
C LYS A 246 -1.02 19.39 -0.10
N LEU A 247 0.27 19.39 0.21
CA LEU A 247 0.72 18.42 1.19
C LEU A 247 1.35 19.16 2.37
N VAL A 248 1.02 18.67 3.58
CA VAL A 248 1.34 19.33 4.82
C VAL A 248 1.77 18.25 5.79
N PHE A 249 2.79 18.52 6.60
CA PHE A 249 3.47 17.40 7.22
C PHE A 249 2.98 17.33 8.65
N GLY A 250 2.27 16.25 8.97
CA GLY A 250 1.59 16.18 10.26
C GLY A 250 2.48 15.58 11.34
N LEU A 251 2.72 16.34 12.43
CA LEU A 251 3.68 15.97 13.44
C LEU A 251 3.14 16.16 14.84
N PRO A 252 3.59 15.31 15.81
CA PRO A 252 3.44 15.59 17.23
C PRO A 252 4.07 16.93 17.49
N SER A 253 3.57 17.64 18.49
CA SER A 253 4.22 18.84 18.91
C SER A 253 5.37 18.51 19.86
N ASN A 254 5.30 17.31 20.45
CA ASN A 254 6.17 16.92 21.54
C ASN A 254 5.77 15.51 21.94
N ILE A 255 6.40 14.97 23.00
CA ILE A 255 6.43 13.53 23.15
C ILE A 255 5.16 13.10 23.87
N ASP A 256 4.59 14.06 24.62
CA ASP A 256 3.35 13.81 25.33
C ASP A 256 2.22 13.62 24.33
N ALA A 257 2.30 14.37 23.22
CA ALA A 257 1.22 14.48 22.25
C ALA A 257 1.05 13.22 21.41
N ALA A 258 2.05 12.32 21.41
CA ALA A 258 1.90 11.08 20.65
C ALA A 258 2.84 10.00 21.17
N ALA A 259 2.45 8.75 20.90
CA ALA A 259 3.26 7.60 21.25
C ALA A 259 4.63 7.68 20.58
N THR A 260 4.62 7.95 19.25
CA THR A 260 5.80 7.89 18.41
C THR A 260 5.65 8.92 17.31
N GLY A 261 6.80 9.38 16.77
CA GLY A 261 6.83 10.22 15.58
C GLY A 261 7.17 11.69 15.86
N TYR A 262 7.58 12.03 17.08
CA TYR A 262 8.05 13.37 17.37
C TYR A 262 9.49 13.45 16.89
N ILE A 263 9.77 14.47 16.06
CA ILE A 263 11.10 14.78 15.60
C ILE A 263 11.94 15.37 16.74
N GLN A 264 13.08 14.74 17.06
CA GLN A 264 14.00 15.30 18.04
C GLN A 264 14.70 16.54 17.48
N ASP A 265 15.23 16.49 16.27
CA ASP A 265 15.93 17.65 15.75
C ASP A 265 15.21 18.19 14.52
N PRO A 266 14.78 19.46 14.53
CA PRO A 266 14.21 20.13 13.35
C PRO A 266 14.97 20.18 12.03
N GLN A 267 16.31 20.25 12.11
CA GLN A 267 17.20 20.24 10.95
C GLN A 267 16.76 19.18 9.93
N ASP A 268 16.66 17.94 10.43
CA ASP A 268 16.03 16.82 9.73
C ASP A 268 14.86 17.22 8.81
N LEU A 269 13.84 17.82 9.42
CA LEU A 269 12.75 18.39 8.66
C LEU A 269 13.24 19.54 7.80
N TYR A 270 14.12 20.40 8.33
CA TYR A 270 14.54 21.50 7.49
C TYR A 270 15.19 20.93 6.24
N LYS A 271 16.05 19.92 6.40
CA LYS A 271 16.85 19.51 5.25
C LYS A 271 15.92 18.94 4.20
N ALA A 272 15.04 18.04 4.70
CA ALA A 272 14.04 17.41 3.84
C ALA A 272 13.22 18.45 3.09
N PHE A 273 12.89 19.58 3.72
CA PHE A 273 12.06 20.50 2.97
C PHE A 273 12.95 21.06 1.88
N ASP A 274 14.18 21.46 2.23
CA ASP A 274 15.11 22.02 1.24
C ASP A 274 15.35 20.99 0.14
N ARG A 275 15.46 19.71 0.53
CA ARG A 275 15.54 18.67 -0.48
C ARG A 275 14.35 18.78 -1.42
N LEU A 276 13.15 18.46 -0.90
CA LEU A 276 11.95 18.49 -1.71
C LEU A 276 11.83 19.83 -2.43
N LYS A 277 12.24 20.91 -1.77
CA LYS A 277 12.23 22.21 -2.45
C LYS A 277 13.16 22.15 -3.67
N ALA A 278 14.39 21.67 -3.46
CA ALA A 278 15.43 21.62 -4.49
C ALA A 278 14.91 20.93 -5.73
N GLN A 279 14.14 19.86 -5.53
CA GLN A 279 13.66 19.06 -6.65
C GLN A 279 12.48 19.69 -7.37
N GLY A 280 12.03 20.87 -6.89
CA GLY A 280 10.93 21.59 -7.54
C GLY A 280 9.56 21.29 -6.90
N GLN A 281 9.56 20.64 -5.73
CA GLN A 281 8.30 20.28 -5.09
C GLN A 281 8.34 20.68 -3.62
N PRO A 282 8.33 21.99 -3.29
CA PRO A 282 8.25 22.43 -1.91
C PRO A 282 6.87 22.05 -1.35
N LEU A 283 6.84 21.74 -0.05
CA LEU A 283 5.64 21.33 0.65
C LEU A 283 4.84 22.57 1.05
N ARG A 284 3.59 22.36 1.51
CA ARG A 284 2.65 23.44 1.77
C ARG A 284 2.71 23.94 3.21
N GLY A 285 3.20 23.10 4.14
CA GLY A 285 3.54 23.58 5.48
C GLY A 285 3.67 22.38 6.42
N VAL A 286 3.57 22.65 7.73
CA VAL A 286 3.45 21.59 8.74
C VAL A 286 2.09 21.68 9.47
N MET A 287 1.83 20.68 10.31
CA MET A 287 0.60 20.50 11.05
C MET A 287 0.98 19.79 12.33
N THR A 288 0.30 20.11 13.43
CA THR A 288 0.60 19.43 14.66
C THR A 288 -0.67 19.14 15.47
N TRP A 289 -0.54 18.04 16.16
CA TRP A 289 -1.25 17.72 17.35
C TRP A 289 -0.39 18.14 18.53
N SER A 290 -0.65 19.27 19.19
CA SER A 290 -1.75 20.21 19.00
C SER A 290 -1.20 21.52 19.50
N VAL A 291 -1.94 22.61 19.35
CA VAL A 291 -1.49 23.84 20.00
C VAL A 291 -1.57 23.64 21.49
N ASN A 292 -2.41 22.71 21.95
CA ASN A 292 -2.68 22.60 23.37
C ASN A 292 -1.49 21.96 24.07
N TRP A 293 -0.98 20.94 23.43
CA TRP A 293 0.19 20.26 23.97
C TRP A 293 1.45 21.11 23.85
N ASP A 294 1.52 21.89 22.78
CA ASP A 294 2.59 22.85 22.59
C ASP A 294 2.54 23.93 23.67
N MET A 295 1.31 24.43 23.96
CA MET A 295 1.04 25.38 25.05
C MET A 295 1.04 24.67 26.42
N GLY A 296 1.24 23.35 26.42
CA GLY A 296 1.05 22.50 27.58
C GLY A 296 2.26 22.47 28.49
N THR A 297 2.45 21.29 29.16
CA THR A 297 3.37 21.06 30.27
C THR A 297 3.57 19.55 30.39
N ASP A 298 4.74 19.13 30.90
CA ASP A 298 5.15 17.72 30.90
C ASP A 298 4.88 17.12 32.27
N ALA A 299 5.42 15.91 32.52
CA ALA A 299 5.09 15.21 33.74
C ALA A 299 5.84 15.81 34.93
N ALA A 300 6.64 16.85 34.69
CA ALA A 300 7.40 17.53 35.72
C ALA A 300 6.87 18.95 35.90
N ASN A 301 5.70 19.20 35.30
CA ASN A 301 5.09 20.52 35.29
C ASN A 301 6.05 21.54 34.66
N ASN A 302 6.90 21.08 33.74
CA ASN A 302 7.73 21.97 32.94
C ASN A 302 6.99 22.29 31.64
N SER A 303 6.80 23.59 31.40
CA SER A 303 6.28 24.09 30.14
C SER A 303 7.13 23.66 28.93
N TYR A 304 6.44 23.12 27.92
CA TYR A 304 6.95 22.99 26.57
C TYR A 304 7.02 24.34 25.87
N ASN A 305 7.28 25.39 26.61
CA ASN A 305 7.28 26.74 26.07
C ASN A 305 7.02 26.77 24.55
N GLN A 306 5.80 26.42 24.12
CA GLN A 306 5.40 26.53 22.72
C GLN A 306 6.53 26.29 21.72
N GLN A 307 7.28 25.21 21.89
CA GLN A 307 8.50 25.02 21.11
C GLN A 307 8.19 24.86 19.64
N PHE A 308 7.41 23.83 19.33
CA PHE A 308 7.18 23.44 17.96
C PHE A 308 7.00 24.67 17.09
N ILE A 309 6.13 25.58 17.50
CA ILE A 309 5.85 26.72 16.63
C ILE A 309 7.12 27.58 16.48
N LYS A 310 7.99 27.59 17.49
CA LYS A 310 9.24 28.32 17.40
C LYS A 310 10.14 27.60 16.39
N ASP A 311 10.26 26.29 16.59
CA ASP A 311 10.87 25.37 15.66
C ASP A 311 10.45 25.63 14.21
N TYR A 312 9.14 25.84 13.93
CA TYR A 312 8.67 25.49 12.60
C TYR A 312 8.03 26.64 11.83
N GLY A 313 7.89 27.78 12.49
CA GLY A 313 6.88 28.72 12.08
C GLY A 313 7.45 29.81 11.20
N ASN A 314 8.54 30.44 11.68
CA ASN A 314 9.37 31.23 10.78
C ASN A 314 9.82 30.30 9.65
N PHE A 315 10.26 29.08 10.02
CA PHE A 315 10.67 28.17 8.98
C PHE A 315 9.68 28.20 7.82
N ILE A 316 8.42 28.00 8.15
CA ILE A 316 7.44 27.73 7.11
C ILE A 316 6.99 29.02 6.45
N HIS A 317 7.00 30.09 7.23
CA HIS A 317 6.39 31.30 6.75
C HIS A 317 7.40 31.98 5.83
N ASN A 318 8.68 31.90 6.19
CA ASN A 318 9.77 32.47 5.40
C ASN A 318 9.91 31.76 4.06
N GLN A 319 9.28 30.59 3.89
CA GLN A 319 9.15 29.97 2.58
C GLN A 319 8.39 30.86 1.61
N LEU A 320 8.15 30.35 0.41
CA LEU A 320 7.67 31.20 -0.67
C LEU A 320 6.22 30.84 -0.97
N PRO A 321 5.45 31.81 -1.50
CA PRO A 321 4.10 31.53 -1.99
C PRO A 321 4.00 30.18 -2.68
N PRO A 322 2.92 29.39 -2.42
CA PRO A 322 2.80 28.06 -3.00
C PRO A 322 2.66 28.39 -4.45
N VAL A 323 2.95 27.40 -5.29
CA VAL A 323 2.66 27.49 -6.71
C VAL A 323 1.81 26.27 -7.03
N THR A 324 0.73 26.50 -7.78
CA THR A 324 -0.27 25.46 -7.98
C THR A 324 0.23 24.49 -9.05
N ASP A 325 0.17 23.20 -8.72
CA ASP A 325 0.52 22.13 -9.62
C ASP A 325 -0.71 21.85 -10.47
N MET A 326 -0.87 22.60 -11.57
CA MET A 326 -2.01 22.43 -12.44
C MET A 326 -1.89 21.20 -13.34
N THR A 327 -0.99 20.24 -13.05
CA THR A 327 -0.92 19.05 -13.89
C THR A 327 -2.28 18.35 -13.79
N PRO A 328 -2.71 17.66 -14.86
CA PRO A 328 -3.88 16.80 -14.79
C PRO A 328 -3.51 15.44 -14.24
N THR A 329 -4.51 14.57 -14.16
CA THR A 329 -4.39 13.34 -13.43
C THR A 329 -4.94 12.26 -14.34
N LEU A 330 -4.32 11.08 -14.28
CA LEU A 330 -4.64 9.98 -15.18
C LEU A 330 -4.87 8.74 -14.34
N SER A 331 -6.12 8.39 -14.10
CA SER A 331 -6.38 7.14 -13.40
C SER A 331 -6.98 6.15 -14.39
N GLY A 332 -6.76 4.85 -14.10
CA GLY A 332 -7.18 3.77 -14.96
C GLY A 332 -6.00 2.95 -15.47
N ILE A 333 -4.84 3.57 -15.53
CA ILE A 333 -3.68 2.96 -16.16
C ILE A 333 -3.18 1.87 -15.23
N VAL A 334 -3.56 0.61 -15.50
CA VAL A 334 -3.06 -0.55 -14.77
C VAL A 334 -2.59 -1.60 -15.77
N ASP A 335 -1.33 -2.03 -15.68
CA ASP A 335 -0.75 -2.99 -16.63
C ASP A 335 -1.65 -4.24 -16.79
N THR A 336 -2.05 -4.56 -18.03
CA THR A 336 -3.05 -5.59 -18.27
C THR A 336 -2.52 -6.67 -19.21
N ARG A 337 -3.15 -7.84 -19.12
CA ARG A 337 -2.89 -8.94 -20.01
C ARG A 337 -4.04 -9.10 -21.00
N VAL A 338 -3.71 -9.51 -22.22
CA VAL A 338 -4.69 -9.71 -23.29
C VAL A 338 -4.39 -11.02 -24.02
N GLU A 339 -5.48 -11.76 -24.36
CA GLU A 339 -5.40 -13.08 -24.97
C GLU A 339 -5.05 -12.95 -26.46
N LEU A 340 -4.21 -13.85 -26.98
CA LEU A 340 -3.77 -13.80 -28.36
C LEU A 340 -4.99 -13.59 -29.28
N ASP A 341 -4.81 -12.71 -30.27
CA ASP A 341 -5.82 -12.46 -31.30
C ASP A 341 -7.12 -11.94 -30.68
N SER A 342 -7.11 -11.59 -29.39
CA SER A 342 -8.25 -10.96 -28.75
C SER A 342 -8.37 -9.47 -29.14
N HIS A 343 -9.46 -8.84 -28.69
CA HIS A 343 -9.75 -7.44 -28.96
C HIS A 343 -9.30 -6.62 -27.76
N PHE A 344 -8.79 -5.41 -28.02
CA PHE A 344 -8.34 -4.52 -26.97
C PHE A 344 -8.66 -3.07 -27.32
N ASP A 345 -9.47 -2.41 -26.49
CA ASP A 345 -9.64 -0.98 -26.62
C ASP A 345 -8.75 -0.27 -25.60
N PRO A 346 -7.68 0.46 -26.04
CA PRO A 346 -6.91 1.29 -25.11
C PRO A 346 -7.75 2.12 -24.15
N LEU A 347 -8.74 2.86 -24.66
CA LEU A 347 -9.33 3.97 -23.91
C LEU A 347 -10.44 3.44 -23.00
N ILE A 348 -10.47 2.12 -22.76
CA ILE A 348 -11.47 1.54 -21.88
C ILE A 348 -10.92 1.49 -20.47
N GLY A 349 -11.63 2.16 -19.55
CA GLY A 349 -11.28 2.18 -18.14
C GLY A 349 -10.63 3.51 -17.73
N ILE A 350 -10.03 4.19 -18.71
CA ILE A 350 -9.19 5.35 -18.45
C ILE A 350 -10.06 6.59 -18.24
N THR A 351 -9.77 7.30 -17.15
CA THR A 351 -10.37 8.59 -16.84
C THR A 351 -9.25 9.59 -16.59
N ALA A 352 -9.52 10.86 -16.88
CA ALA A 352 -8.55 11.91 -16.60
C ALA A 352 -9.27 13.11 -16.03
N LYS A 353 -8.74 13.61 -14.90
CA LYS A 353 -9.20 14.85 -14.29
C LYS A 353 -8.15 15.92 -14.50
N ASP A 354 -8.58 17.17 -14.36
CA ASP A 354 -7.65 18.28 -14.33
C ASP A 354 -7.22 18.49 -12.88
N TYR A 355 -6.82 19.72 -12.54
CA TYR A 355 -6.30 20.01 -11.22
C TYR A 355 -7.46 20.37 -10.29
N GLN A 356 -8.59 20.81 -10.86
CA GLN A 356 -9.67 21.40 -10.09
C GLN A 356 -10.83 20.43 -9.89
N GLY A 357 -10.71 19.23 -10.47
CA GLY A 357 -11.72 18.19 -10.32
C GLY A 357 -12.31 17.76 -11.66
N ASN A 358 -12.37 18.67 -12.63
CA ASN A 358 -13.12 18.47 -13.87
C ASN A 358 -12.59 17.26 -14.65
N ASP A 359 -13.52 16.51 -15.25
CA ASP A 359 -13.23 15.31 -16.01
C ASP A 359 -12.85 15.72 -17.44
N ILE A 360 -11.64 15.33 -17.88
CA ILE A 360 -11.17 15.64 -19.22
C ILE A 360 -10.93 14.35 -20.01
N THR A 361 -11.52 13.22 -19.55
CA THR A 361 -11.32 11.91 -20.15
C THR A 361 -11.27 11.99 -21.69
N ALA A 362 -12.09 12.89 -22.25
CA ALA A 362 -12.20 13.07 -23.68
C ALA A 362 -10.87 13.44 -24.32
N ASP A 363 -10.11 14.31 -23.65
CA ASP A 363 -8.94 14.93 -24.26
C ASP A 363 -7.70 14.01 -24.17
N VAL A 364 -7.91 12.80 -23.64
CA VAL A 364 -6.87 11.78 -23.50
C VAL A 364 -6.48 11.21 -24.86
N THR A 365 -5.17 11.29 -25.16
CA THR A 365 -4.58 10.70 -26.35
C THR A 365 -3.90 9.39 -25.95
N VAL A 366 -3.47 8.59 -26.93
CA VAL A 366 -2.71 7.37 -26.67
C VAL A 366 -1.60 7.25 -27.70
N SER A 367 -0.40 6.87 -27.29
CA SER A 367 0.70 6.71 -28.22
C SER A 367 1.24 5.28 -28.12
N GLY A 368 1.17 4.53 -29.23
CA GLY A 368 1.52 3.12 -29.24
C GLY A 368 0.41 2.29 -29.87
N SER A 369 0.70 1.00 -30.15
CA SER A 369 -0.31 0.02 -30.52
C SER A 369 0.04 -1.30 -29.84
N VAL A 370 -0.93 -2.23 -29.81
CA VAL A 370 -0.75 -3.55 -29.21
C VAL A 370 -1.17 -4.63 -30.19
N ASN A 371 -0.20 -5.22 -30.89
CA ASN A 371 -0.52 -6.16 -31.94
C ASN A 371 -0.81 -7.53 -31.33
N THR A 372 -2.05 -7.72 -30.87
CA THR A 372 -2.50 -8.97 -30.26
C THR A 372 -2.11 -10.16 -31.12
N ASN A 373 -2.06 -9.94 -32.44
CA ASN A 373 -1.74 -10.99 -33.40
C ASN A 373 -0.37 -11.61 -33.08
N GLN A 374 0.60 -10.81 -32.64
CA GLN A 374 1.92 -11.30 -32.29
C GLN A 374 2.08 -11.32 -30.77
N VAL A 375 2.67 -12.39 -30.24
CA VAL A 375 2.99 -12.45 -28.81
C VAL A 375 4.10 -11.42 -28.55
N GLY A 376 4.13 -10.93 -27.30
CA GLY A 376 5.12 -9.96 -26.85
C GLY A 376 4.62 -9.12 -25.68
N ASP A 377 5.34 -8.04 -25.39
CA ASP A 377 4.92 -7.03 -24.41
C ASP A 377 4.98 -5.67 -25.10
N TYR A 378 3.86 -4.94 -25.14
CA TYR A 378 3.75 -3.70 -25.89
C TYR A 378 3.52 -2.54 -24.90
N LEU A 379 3.98 -1.33 -25.26
CA LEU A 379 4.06 -0.24 -24.31
C LEU A 379 3.30 0.99 -24.81
N LEU A 380 2.11 1.21 -24.24
CA LEU A 380 1.33 2.40 -24.52
C LEU A 380 1.76 3.54 -23.61
N THR A 381 1.56 4.78 -24.09
CA THR A 381 1.76 5.98 -23.30
C THR A 381 0.53 6.87 -23.43
N TYR A 382 -0.09 7.18 -22.29
CA TYR A 382 -1.29 7.99 -22.26
C TYR A 382 -0.90 9.41 -21.89
N SER A 383 -1.72 10.37 -22.32
CA SER A 383 -1.34 11.76 -22.30
C SER A 383 -2.57 12.65 -22.41
N VAL A 384 -2.61 13.64 -21.54
CA VAL A 384 -3.71 14.57 -21.48
C VAL A 384 -3.14 15.92 -21.07
N SER A 385 -3.63 16.98 -21.70
CA SER A 385 -3.16 18.32 -21.46
C SER A 385 -4.33 19.20 -21.04
N SER A 386 -4.09 20.05 -20.03
CA SER A 386 -5.04 21.08 -19.64
C SER A 386 -4.35 22.05 -18.69
N ASP A 387 -4.82 23.31 -18.75
CA ASP A 387 -4.27 24.39 -17.96
C ASP A 387 -2.77 24.48 -18.23
N ASP A 388 -2.37 24.20 -19.49
CA ASP A 388 -1.03 24.43 -20.03
C ASP A 388 -0.01 23.46 -19.44
N GLU A 389 -0.46 22.25 -19.12
CA GLU A 389 0.40 21.26 -18.51
C GLU A 389 0.01 19.91 -19.07
N THR A 390 0.98 18.99 -19.09
CA THR A 390 0.75 17.67 -19.63
C THR A 390 1.17 16.64 -18.59
N THR A 391 0.36 15.57 -18.50
CA THR A 391 0.71 14.41 -17.72
C THR A 391 0.85 13.25 -18.68
N ASN A 392 1.98 12.54 -18.60
CA ASN A 392 2.18 11.38 -19.43
C ASN A 392 2.50 10.22 -18.51
N GLN A 393 2.09 9.03 -18.92
CA GLN A 393 2.12 7.90 -18.02
C GLN A 393 2.07 6.63 -18.83
N PRO A 394 3.08 5.75 -18.67
CA PRO A 394 3.24 4.54 -19.45
C PRO A 394 2.30 3.48 -18.93
N ARG A 395 2.07 2.48 -19.80
CA ARG A 395 1.19 1.34 -19.56
C ARG A 395 1.74 0.18 -20.37
N LYS A 396 1.82 -1.00 -19.73
CA LYS A 396 2.39 -2.20 -20.31
C LYS A 396 1.29 -3.21 -20.57
N ILE A 397 1.28 -3.76 -21.79
CA ILE A 397 0.32 -4.78 -22.15
C ILE A 397 1.08 -6.04 -22.55
N THR A 398 0.87 -7.14 -21.80
CA THR A 398 1.46 -8.41 -22.13
C THR A 398 0.41 -9.26 -22.84
N VAL A 399 0.82 -9.87 -23.97
CA VAL A 399 -0.03 -10.74 -24.78
C VAL A 399 0.20 -12.19 -24.37
N TYR A 400 -0.82 -12.85 -23.78
CA TYR A 400 -0.71 -14.26 -23.44
C TYR A 400 -1.10 -15.16 -24.61
N VAL A 401 -0.45 -16.32 -24.70
CA VAL A 401 -0.55 -17.24 -25.84
C VAL A 401 -1.81 -18.10 -25.74
N SER A 402 -2.28 -18.36 -24.50
CA SER A 402 -3.57 -18.99 -24.24
C SER A 402 -3.52 -20.49 -24.49
N ASP A 403 -4.54 -21.20 -23.98
CA ASP A 403 -4.72 -22.62 -24.23
C ASP A 403 -5.07 -22.85 -25.70
N ASP A 404 -5.89 -21.94 -26.25
CA ASP A 404 -6.67 -22.22 -27.44
C ASP A 404 -5.74 -22.37 -28.65
N ASP A 405 -4.72 -21.53 -28.75
CA ASP A 405 -3.69 -21.71 -29.75
C ASP A 405 -3.54 -23.19 -30.12
N TRP A 406 -3.64 -23.45 -31.44
CA TRP A 406 -3.51 -24.78 -32.02
C TRP A 406 -2.10 -25.33 -31.82
N GLN A 407 -2.03 -26.50 -31.16
CA GLN A 407 -0.82 -27.32 -31.14
C GLN A 407 -1.04 -28.56 -32.02
N VAL A 408 0.06 -29.00 -32.65
CA VAL A 408 0.04 -30.14 -33.55
C VAL A 408 -0.63 -31.31 -32.82
N GLY A 409 0.05 -31.78 -31.75
CA GLY A 409 -0.27 -33.00 -31.02
C GLY A 409 -1.66 -32.98 -30.38
N SER A 410 -2.10 -31.78 -30.00
CA SER A 410 -3.40 -31.59 -29.37
C SER A 410 -4.50 -32.25 -30.21
N THR A 411 -5.26 -33.14 -29.57
CA THR A 411 -6.43 -33.74 -30.19
C THR A 411 -7.66 -32.88 -29.91
N TYR A 412 -8.20 -32.25 -30.96
CA TYR A 412 -9.40 -31.46 -30.82
C TYR A 412 -10.58 -32.29 -31.31
N VAL A 413 -11.78 -31.80 -30.99
CA VAL A 413 -13.02 -32.54 -31.18
C VAL A 413 -13.93 -31.65 -32.00
N LYS A 414 -15.14 -32.12 -32.32
CA LYS A 414 -16.11 -31.29 -33.00
C LYS A 414 -16.43 -30.06 -32.13
N ASP A 415 -16.58 -28.90 -32.78
CA ASP A 415 -17.07 -27.65 -32.19
C ASP A 415 -16.00 -26.89 -31.40
N ASP A 416 -14.79 -27.47 -31.32
CA ASP A 416 -13.63 -26.86 -30.67
C ASP A 416 -13.19 -25.62 -31.45
N LYS A 417 -12.88 -24.54 -30.72
CA LYS A 417 -12.31 -23.32 -31.28
C LYS A 417 -10.82 -23.19 -30.90
N VAL A 418 -9.94 -23.24 -31.90
CA VAL A 418 -8.52 -22.99 -31.73
C VAL A 418 -8.15 -21.71 -32.46
N THR A 419 -6.85 -21.37 -32.44
CA THR A 419 -6.31 -20.20 -33.12
C THR A 419 -5.03 -20.61 -33.82
N HIS A 420 -4.76 -19.96 -34.95
CA HIS A 420 -3.54 -20.18 -35.70
C HIS A 420 -3.47 -19.07 -36.73
N ASN A 421 -2.26 -18.76 -37.22
CA ASN A 421 -1.97 -17.60 -38.07
C ASN A 421 -3.00 -16.48 -38.03
N GLY A 422 -3.51 -16.15 -36.84
CA GLY A 422 -4.27 -14.92 -36.66
C GLY A 422 -5.78 -15.13 -36.78
N ALA A 423 -6.25 -16.36 -36.56
CA ALA A 423 -7.66 -16.69 -36.78
C ALA A 423 -8.18 -17.69 -35.74
N THR A 424 -9.52 -17.76 -35.63
CA THR A 424 -10.19 -18.66 -34.70
C THR A 424 -10.93 -19.75 -35.49
N TRP A 425 -10.19 -20.77 -35.92
CA TRP A 425 -10.73 -21.85 -36.72
C TRP A 425 -11.50 -22.84 -35.84
N THR A 426 -12.67 -23.26 -36.32
CA THR A 426 -13.47 -24.29 -35.66
C THR A 426 -13.21 -25.65 -36.31
N ALA A 427 -13.11 -26.69 -35.48
CA ALA A 427 -13.06 -28.07 -35.98
C ALA A 427 -14.47 -28.56 -36.30
N GLN A 428 -14.57 -29.55 -37.19
CA GLN A 428 -15.87 -30.16 -37.50
C GLN A 428 -15.88 -31.64 -37.15
N TRP A 429 -14.71 -32.17 -36.77
CA TRP A 429 -14.61 -33.51 -36.22
C TRP A 429 -13.21 -33.71 -35.63
N TRP A 430 -13.01 -34.88 -35.02
CA TRP A 430 -11.72 -35.28 -34.46
C TRP A 430 -10.58 -34.92 -35.41
N THR A 431 -9.45 -34.46 -34.82
CA THR A 431 -8.29 -33.97 -35.56
C THR A 431 -7.04 -34.09 -34.69
N LYS A 432 -5.87 -34.28 -35.32
CA LYS A 432 -4.64 -34.45 -34.57
C LYS A 432 -3.43 -34.28 -35.49
N GLY A 433 -3.17 -33.02 -35.85
CA GLY A 433 -2.00 -32.67 -36.63
C GLY A 433 -2.37 -32.17 -38.03
N GLU A 434 -3.49 -31.46 -38.15
CA GLU A 434 -3.88 -30.81 -39.41
C GLU A 434 -3.91 -29.30 -39.20
N GLU A 435 -2.87 -28.64 -39.70
CA GLU A 435 -2.65 -27.21 -39.49
C GLU A 435 -3.82 -26.44 -40.07
N PRO A 436 -4.57 -25.65 -39.27
CA PRO A 436 -5.68 -24.87 -39.80
C PRO A 436 -5.17 -24.02 -40.97
N GLY A 437 -5.83 -24.15 -42.13
CA GLY A 437 -5.45 -23.44 -43.34
C GLY A 437 -4.87 -24.36 -44.41
N THR A 438 -4.37 -25.55 -44.03
CA THR A 438 -3.91 -26.55 -44.98
C THR A 438 -5.05 -27.48 -45.37
N THR A 439 -6.15 -27.42 -44.62
CA THR A 439 -7.33 -28.20 -44.91
C THR A 439 -7.89 -27.74 -46.26
N GLY A 440 -9.18 -27.43 -46.34
CA GLY A 440 -9.71 -26.86 -47.56
C GLY A 440 -11.03 -26.16 -47.26
N GLU A 441 -11.89 -26.07 -48.28
CA GLU A 441 -13.20 -25.44 -48.13
C GLU A 441 -14.07 -26.28 -47.22
N TRP A 442 -13.92 -27.62 -47.31
CA TRP A 442 -14.62 -28.61 -46.48
C TRP A 442 -13.56 -29.48 -45.79
N GLY A 443 -12.72 -28.87 -44.94
CA GLY A 443 -11.67 -29.60 -44.26
C GLY A 443 -12.03 -29.84 -42.80
N VAL A 444 -11.15 -30.55 -42.09
CA VAL A 444 -11.35 -30.76 -40.68
C VAL A 444 -11.59 -29.39 -40.03
N TRP A 445 -10.68 -28.43 -40.30
CA TRP A 445 -10.73 -27.08 -39.76
C TRP A 445 -11.59 -26.15 -40.63
N ARG A 446 -12.18 -25.13 -39.99
CA ARG A 446 -13.09 -24.22 -40.67
C ARG A 446 -12.97 -22.79 -40.08
N GLY B 1 13.00 -38.08 10.42
CA GLY B 1 11.75 -38.54 9.78
C GLY B 1 11.94 -38.83 8.29
N THR B 2 11.45 -37.92 7.43
CA THR B 2 11.48 -38.10 5.98
C THR B 2 11.37 -36.76 5.26
N ILE B 3 11.50 -36.79 3.93
CA ILE B 3 11.51 -35.61 3.08
C ILE B 3 10.49 -35.75 1.95
N THR B 4 9.47 -34.89 1.96
CA THR B 4 8.47 -34.83 0.91
C THR B 4 8.45 -33.41 0.33
N SER B 5 8.13 -33.33 -0.96
CA SER B 5 8.20 -32.08 -1.69
C SER B 5 7.01 -32.00 -2.64
N GLN B 6 5.91 -31.40 -2.16
CA GLN B 6 4.74 -31.25 -3.00
C GLN B 6 5.18 -30.53 -4.27
N ASP B 7 4.87 -31.14 -5.41
CA ASP B 7 5.15 -30.51 -6.69
C ASP B 7 3.82 -30.26 -7.39
N ASP B 8 2.73 -30.54 -6.68
CA ASP B 8 1.42 -30.48 -7.28
C ASP B 8 0.56 -29.53 -6.47
N ASN B 9 -0.64 -29.26 -6.97
CA ASN B 9 -1.52 -28.33 -6.28
C ASN B 9 -1.69 -28.76 -4.82
N VAL B 10 -1.58 -27.77 -3.94
CA VAL B 10 -1.54 -28.00 -2.51
C VAL B 10 -2.82 -27.50 -1.87
N VAL B 11 -3.05 -27.95 -0.63
CA VAL B 11 -4.10 -27.47 0.23
C VAL B 11 -3.56 -27.44 1.66
N VAL B 12 -3.11 -26.28 2.09
CA VAL B 12 -2.31 -26.18 3.30
C VAL B 12 -3.24 -26.06 4.51
N GLY B 13 -2.85 -26.74 5.60
CA GLY B 13 -3.56 -26.66 6.87
C GLY B 13 -2.59 -26.59 8.06
N TYR B 14 -2.84 -25.63 8.96
CA TYR B 14 -2.06 -25.49 10.18
C TYR B 14 -2.64 -26.43 11.23
N TRP B 15 -1.83 -26.78 12.26
CA TRP B 15 -2.29 -27.62 13.36
C TRP B 15 -2.13 -26.91 14.71
N HIS B 16 -3.25 -26.79 15.44
CA HIS B 16 -3.32 -26.14 16.75
C HIS B 16 -2.70 -27.03 17.83
N ASN B 17 -1.59 -26.58 18.42
CA ASN B 17 -0.91 -27.29 19.49
C ASN B 17 -1.70 -27.07 20.79
N TRP B 18 -2.30 -25.89 20.91
CA TRP B 18 -3.12 -25.54 22.06
C TRP B 18 -4.38 -26.38 22.11
N CYS B 19 -4.90 -26.59 23.33
CA CYS B 19 -6.09 -27.40 23.55
C CYS B 19 -7.34 -26.52 23.55
N ASP B 20 -8.50 -27.19 23.59
CA ASP B 20 -9.82 -26.57 23.52
C ASP B 20 -9.73 -25.05 23.46
N GLY B 21 -9.35 -24.52 22.28
CA GLY B 21 -9.26 -23.10 22.06
C GLY B 21 -10.64 -22.44 22.10
N ARG B 22 -10.64 -21.12 21.81
CA ARG B 22 -11.86 -20.31 21.78
C ARG B 22 -11.88 -19.53 20.47
N GLY B 23 -13.10 -19.24 19.98
CA GLY B 23 -13.25 -18.57 18.70
C GLY B 23 -13.81 -17.17 18.85
N TYR B 24 -13.92 -16.46 17.71
CA TYR B 24 -14.45 -15.11 17.61
C TYR B 24 -15.99 -15.15 17.60
N GLN B 25 -16.55 -16.36 17.68
CA GLN B 25 -17.93 -16.58 18.08
C GLN B 25 -17.92 -17.63 19.19
N GLY B 26 -16.90 -17.54 20.07
CA GLY B 26 -16.77 -18.37 21.26
C GLY B 26 -16.79 -19.86 20.93
N GLY B 27 -16.23 -20.24 19.77
CA GLY B 27 -16.32 -21.61 19.30
C GLY B 27 -15.54 -22.57 20.18
N ASN B 28 -15.58 -23.86 19.80
CA ASN B 28 -14.69 -24.87 20.33
C ASN B 28 -13.63 -25.19 19.27
N ALA B 29 -12.37 -24.97 19.62
CA ALA B 29 -11.24 -25.39 18.80
C ALA B 29 -10.48 -26.50 19.53
N PRO B 30 -10.95 -27.77 19.45
CA PRO B 30 -10.39 -28.85 20.27
C PRO B 30 -8.99 -29.26 19.82
N CYS B 31 -8.21 -29.84 20.73
CA CYS B 31 -6.90 -30.38 20.39
C CYS B 31 -7.07 -31.71 19.64
N VAL B 32 -7.94 -31.70 18.61
CA VAL B 32 -8.03 -32.79 17.67
C VAL B 32 -6.62 -33.13 17.18
N GLU B 33 -6.31 -34.43 17.17
CA GLU B 33 -4.95 -34.91 16.93
C GLU B 33 -4.83 -35.34 15.47
N LEU B 34 -3.58 -35.44 14.98
CA LEU B 34 -3.30 -35.54 13.55
C LEU B 34 -4.20 -36.59 12.92
N LYS B 35 -3.68 -37.79 12.62
CA LYS B 35 -4.50 -38.88 12.12
C LYS B 35 -5.58 -38.36 11.18
N THR B 36 -6.69 -37.85 11.74
CA THR B 36 -7.86 -37.45 10.97
C THR B 36 -7.64 -36.08 10.32
N VAL B 37 -6.74 -36.06 9.33
CA VAL B 37 -6.48 -34.87 8.54
C VAL B 37 -6.90 -35.22 7.12
N ASN B 38 -8.15 -34.94 6.78
CA ASN B 38 -8.73 -35.41 5.52
C ASN B 38 -7.61 -35.49 4.49
N PRO B 39 -7.22 -36.70 4.03
CA PRO B 39 -6.01 -36.87 3.19
C PRO B 39 -5.72 -35.80 2.13
N GLN B 40 -6.68 -34.88 1.91
CA GLN B 40 -6.60 -33.86 0.88
C GLN B 40 -5.69 -32.71 1.31
N TYR B 41 -5.62 -32.45 2.64
CA TYR B 41 -4.67 -31.51 3.21
C TYR B 41 -3.23 -31.98 2.99
N ASN B 42 -2.67 -31.73 1.79
CA ASN B 42 -1.39 -32.30 1.44
C ASN B 42 -0.25 -31.39 1.93
N VAL B 43 -0.57 -30.43 2.80
CA VAL B 43 0.44 -29.75 3.61
C VAL B 43 -0.14 -29.52 5.00
N VAL B 44 0.55 -30.04 6.05
CA VAL B 44 0.14 -29.82 7.43
C VAL B 44 1.20 -28.98 8.14
N ASN B 45 0.81 -27.77 8.55
CA ASN B 45 1.70 -26.80 9.17
C ASN B 45 1.59 -26.93 10.69
N ILE B 46 2.74 -27.12 11.37
CA ILE B 46 2.76 -27.31 12.81
C ILE B 46 3.00 -25.96 13.49
N SER B 47 1.94 -25.40 14.06
CA SER B 47 2.02 -24.17 14.84
C SER B 47 2.37 -24.53 16.28
N PHE B 48 3.28 -23.82 16.98
CA PHE B 48 4.03 -22.63 16.60
C PHE B 48 5.38 -22.71 17.29
N MET B 49 6.49 -22.60 16.53
CA MET B 49 7.81 -22.43 17.13
C MET B 49 7.92 -21.02 17.73
N LYS B 50 7.77 -20.92 19.06
CA LYS B 50 7.81 -19.62 19.74
C LYS B 50 8.99 -19.60 20.70
N VAL B 51 9.17 -18.45 21.37
CA VAL B 51 10.06 -18.36 22.52
C VAL B 51 9.22 -18.56 23.78
N TYR B 52 9.66 -19.48 24.65
CA TYR B 52 8.92 -19.90 25.82
C TYR B 52 9.47 -19.22 27.07
N ASP B 53 10.77 -19.39 27.29
CA ASP B 53 11.40 -19.02 28.54
C ASP B 53 12.63 -18.16 28.21
N ILE B 54 12.81 -17.06 28.95
CA ILE B 54 13.83 -16.06 28.63
C ILE B 54 15.24 -16.57 28.96
N ALA B 55 15.34 -17.64 29.76
CA ALA B 55 16.61 -18.28 30.07
C ALA B 55 16.84 -19.51 29.18
N GLU B 56 15.78 -20.01 28.52
CA GLU B 56 15.93 -21.02 27.49
C GLU B 56 16.80 -20.48 26.36
N GLY B 57 16.75 -19.15 26.13
CA GLY B 57 17.66 -18.47 25.23
C GLY B 57 16.94 -17.33 24.49
N ARG B 58 17.39 -17.06 23.26
CA ARG B 58 16.72 -16.14 22.35
C ARG B 58 16.08 -16.92 21.20
N ILE B 59 16.90 -17.73 20.52
CA ILE B 59 16.44 -18.64 19.49
C ILE B 59 15.23 -19.41 20.04
N PRO B 60 14.10 -19.52 19.28
CA PRO B 60 12.99 -20.40 19.64
C PRO B 60 13.10 -21.83 19.13
N THR B 61 12.52 -22.77 19.90
CA THR B 61 12.52 -24.18 19.55
C THR B 61 11.10 -24.69 19.76
N PHE B 62 10.87 -26.00 19.55
CA PHE B 62 9.52 -26.56 19.61
C PHE B 62 9.36 -27.49 20.80
N LYS B 63 8.53 -27.05 21.77
CA LYS B 63 8.23 -27.82 22.97
C LYS B 63 6.83 -28.42 22.81
N LEU B 64 6.77 -29.72 22.48
CA LEU B 64 5.52 -30.38 22.18
C LEU B 64 4.60 -30.39 23.40
N ASP B 65 3.61 -29.48 23.41
CA ASP B 65 2.62 -29.41 24.46
C ASP B 65 1.92 -30.76 24.57
N PRO B 66 1.92 -31.41 25.75
CA PRO B 66 1.22 -32.69 25.93
C PRO B 66 -0.18 -32.61 26.54
N THR B 67 -0.88 -31.48 26.34
CA THR B 67 -2.29 -31.39 26.72
C THR B 67 -3.11 -32.40 25.90
N ILE B 68 -2.44 -33.10 24.96
CA ILE B 68 -3.04 -34.21 24.25
C ILE B 68 -2.17 -35.45 24.48
N ALA B 69 -1.40 -35.43 25.58
CA ALA B 69 -0.36 -36.41 25.87
C ALA B 69 0.20 -36.97 24.56
N LEU B 70 0.25 -36.12 23.53
CA LEU B 70 0.46 -36.65 22.19
C LEU B 70 1.70 -37.52 22.28
N SER B 71 1.50 -38.83 22.10
CA SER B 71 2.54 -39.83 22.22
C SER B 71 3.76 -39.35 21.40
N GLU B 72 4.81 -38.90 22.11
CA GLU B 72 5.97 -38.26 21.49
C GLU B 72 6.45 -39.06 20.28
N ALA B 73 6.22 -40.38 20.29
CA ALA B 73 6.58 -41.26 19.17
C ALA B 73 5.48 -41.33 18.10
N GLU B 74 4.22 -41.10 18.49
CA GLU B 74 3.11 -41.03 17.54
C GLU B 74 3.39 -39.97 16.48
N PHE B 75 3.97 -38.84 16.91
CA PHE B 75 4.28 -37.73 16.04
C PHE B 75 5.23 -38.16 14.92
N ILE B 76 6.36 -38.79 15.28
CA ILE B 76 7.43 -39.10 14.34
C ILE B 76 7.01 -40.27 13.44
N ALA B 77 6.12 -41.13 13.97
CA ALA B 77 5.63 -42.30 13.25
C ALA B 77 4.53 -41.88 12.26
N GLN B 78 3.60 -41.03 12.71
CA GLN B 78 2.54 -40.49 11.87
C GLN B 78 3.13 -39.57 10.79
N ILE B 79 4.15 -38.77 11.15
CA ILE B 79 4.87 -37.96 10.17
C ILE B 79 5.41 -38.88 9.08
N ASP B 80 5.96 -40.04 9.46
CA ASP B 80 6.53 -40.96 8.49
C ASP B 80 5.41 -41.56 7.65
N THR B 81 4.20 -41.64 8.24
CA THR B 81 3.01 -42.13 7.54
C THR B 81 2.55 -41.10 6.52
N LEU B 82 2.39 -39.84 6.97
CA LEU B 82 1.95 -38.74 6.12
C LEU B 82 3.02 -38.46 5.05
N ASN B 83 4.29 -38.77 5.34
CA ASN B 83 5.38 -38.69 4.37
C ASN B 83 5.30 -39.84 3.37
N SER B 84 4.62 -40.93 3.76
CA SER B 84 4.34 -42.04 2.87
C SER B 84 3.06 -41.77 2.08
N GLN B 85 2.11 -41.04 2.70
CA GLN B 85 0.85 -40.67 2.06
C GLN B 85 1.08 -39.57 1.01
N GLY B 86 2.30 -39.03 0.93
CA GLY B 86 2.66 -38.03 -0.06
C GLY B 86 2.46 -36.60 0.43
N ARG B 87 2.19 -36.46 1.74
CA ARG B 87 1.87 -35.20 2.37
C ARG B 87 3.15 -34.61 2.94
N SER B 88 3.25 -33.27 2.98
CA SER B 88 4.37 -32.61 3.61
C SER B 88 3.94 -32.07 4.99
N VAL B 89 4.86 -32.18 5.95
CA VAL B 89 4.66 -31.66 7.29
C VAL B 89 5.73 -30.60 7.55
N LEU B 90 5.28 -29.34 7.72
CA LEU B 90 6.16 -28.19 7.92
C LEU B 90 6.00 -27.67 9.35
N ILE B 91 6.93 -26.80 9.75
CA ILE B 91 6.87 -26.15 11.06
C ILE B 91 6.63 -24.66 10.83
N ALA B 92 5.73 -24.07 11.63
CA ALA B 92 5.42 -22.65 11.51
C ALA B 92 6.29 -21.86 12.49
N LEU B 93 6.17 -20.52 12.43
CA LEU B 93 6.99 -19.63 13.24
C LEU B 93 6.34 -18.25 13.34
N GLY B 94 5.98 -17.84 14.56
CA GLY B 94 5.46 -16.51 14.82
C GLY B 94 4.21 -16.53 15.71
N GLY B 95 3.15 -15.88 15.23
CA GLY B 95 1.95 -15.68 16.03
C GLY B 95 2.19 -14.59 17.06
N ALA B 96 1.14 -14.22 17.81
CA ALA B 96 1.18 -13.05 18.68
C ALA B 96 1.85 -13.39 20.00
N ASP B 97 3.13 -13.79 19.95
CA ASP B 97 3.85 -14.21 21.13
C ASP B 97 5.34 -14.30 20.80
N ALA B 98 5.70 -15.29 19.99
CA ALA B 98 7.08 -15.65 19.71
C ALA B 98 7.95 -14.41 19.56
N HIS B 99 8.63 -14.04 20.66
CA HIS B 99 9.57 -12.93 20.63
C HIS B 99 10.82 -13.42 19.92
N ILE B 100 10.77 -13.37 18.58
CA ILE B 100 11.86 -13.83 17.73
C ILE B 100 12.70 -12.61 17.33
N GLU B 101 13.23 -11.90 18.32
CA GLU B 101 13.91 -10.64 18.08
C GLU B 101 15.42 -10.90 18.05
N LEU B 102 15.83 -11.81 17.16
CA LEU B 102 17.21 -12.23 17.04
C LEU B 102 18.02 -11.09 16.45
N THR B 103 19.35 -11.26 16.40
CA THR B 103 20.27 -10.24 15.90
C THR B 103 21.38 -10.90 15.08
N ARG B 104 22.20 -10.07 14.41
CA ARG B 104 23.38 -10.55 13.70
C ARG B 104 24.26 -11.38 14.63
N GLY B 105 24.47 -12.66 14.28
CA GLY B 105 25.23 -13.58 15.11
C GLY B 105 24.40 -14.78 15.52
N ASP B 106 23.07 -14.58 15.64
CA ASP B 106 22.12 -15.65 15.93
C ASP B 106 21.58 -16.28 14.64
N GLU B 107 22.23 -16.01 13.50
CA GLU B 107 21.84 -16.60 12.23
C GLU B 107 22.07 -18.12 12.25
N ASP B 108 23.33 -18.53 12.45
CA ASP B 108 23.70 -19.94 12.42
C ASP B 108 23.02 -20.70 13.54
N ALA B 109 22.79 -20.00 14.66
CA ALA B 109 22.09 -20.57 15.82
C ALA B 109 20.81 -21.26 15.36
N LEU B 110 19.97 -20.52 14.62
CA LEU B 110 18.67 -21.01 14.16
C LEU B 110 18.89 -22.21 13.25
N ALA B 111 19.55 -21.96 12.11
CA ALA B 111 19.87 -23.01 11.15
C ALA B 111 20.27 -24.31 11.86
N ALA B 112 21.13 -24.21 12.88
CA ALA B 112 21.65 -25.38 13.58
C ALA B 112 20.57 -26.08 14.40
N GLU B 113 19.64 -25.31 14.99
CA GLU B 113 18.48 -25.86 15.70
C GLU B 113 17.49 -26.46 14.70
N ILE B 114 17.27 -25.76 13.58
CA ILE B 114 16.40 -26.25 12.53
C ILE B 114 16.91 -27.61 12.08
N ILE B 115 18.18 -27.66 11.68
CA ILE B 115 18.77 -28.90 11.19
C ILE B 115 18.54 -30.00 12.23
N ARG B 116 18.59 -29.63 13.52
CA ARG B 116 18.22 -30.55 14.59
C ARG B 116 16.72 -30.85 14.47
N LEU B 117 15.86 -29.89 14.89
CA LEU B 117 14.41 -30.04 14.89
C LEU B 117 13.91 -30.78 13.65
N THR B 118 14.53 -30.53 12.47
CA THR B 118 14.14 -31.15 11.21
C THR B 118 14.53 -32.63 11.22
N ASP B 119 15.83 -32.91 11.33
CA ASP B 119 16.31 -34.27 11.28
C ASP B 119 15.83 -35.02 12.51
N LEU B 120 15.62 -34.27 13.61
CA LEU B 120 14.94 -34.75 14.81
C LEU B 120 13.54 -35.23 14.44
N TYR B 121 12.57 -34.30 14.46
CA TYR B 121 11.17 -34.66 14.28
C TYR B 121 11.01 -35.36 12.92
N GLY B 122 11.54 -34.74 11.85
CA GLY B 122 11.41 -35.28 10.50
C GLY B 122 10.57 -34.39 9.60
N PHE B 123 10.77 -33.07 9.74
CA PHE B 123 9.96 -32.08 9.04
C PHE B 123 10.36 -32.03 7.57
N ASP B 124 9.49 -31.41 6.77
CA ASP B 124 9.69 -31.25 5.34
C ASP B 124 10.15 -29.83 5.03
N GLY B 125 9.73 -28.87 5.88
CA GLY B 125 10.14 -27.48 5.73
C GLY B 125 9.71 -26.59 6.90
N LEU B 126 9.76 -25.26 6.66
CA LEU B 126 9.32 -24.26 7.63
C LEU B 126 8.45 -23.22 6.94
N ASP B 127 7.53 -22.61 7.71
CA ASP B 127 6.66 -21.54 7.23
C ASP B 127 6.76 -20.35 8.16
N ILE B 128 7.11 -19.18 7.60
CA ILE B 128 7.20 -17.95 8.36
C ILE B 128 5.79 -17.41 8.58
N ASP B 129 5.37 -17.29 9.86
CA ASP B 129 4.07 -16.74 10.21
C ASP B 129 4.21 -15.74 11.36
N LEU B 130 5.10 -14.75 11.18
CA LEU B 130 5.49 -13.82 12.24
C LEU B 130 4.30 -12.99 12.72
N GLU B 131 4.59 -12.14 13.70
CA GLU B 131 3.54 -11.20 14.16
C GLU B 131 3.95 -9.80 13.71
N GLN B 132 2.98 -8.93 13.51
CA GLN B 132 3.19 -7.55 13.10
C GLN B 132 4.55 -7.04 13.58
N ALA B 133 4.88 -7.31 14.86
CA ALA B 133 6.10 -6.80 15.47
C ALA B 133 7.34 -7.49 14.91
N ALA B 134 7.36 -8.83 15.00
CA ALA B 134 8.55 -9.63 14.74
C ALA B 134 9.17 -9.31 13.38
N ILE B 135 8.34 -8.94 12.39
CA ILE B 135 8.79 -8.68 11.03
C ILE B 135 9.94 -7.65 11.05
N THR B 136 9.64 -6.42 11.52
CA THR B 136 10.60 -5.33 11.52
C THR B 136 11.37 -5.31 12.84
N ALA B 137 11.06 -6.23 13.74
CA ALA B 137 11.73 -6.32 15.03
C ALA B 137 13.22 -6.61 14.79
N LYS B 138 14.06 -5.95 15.59
CA LYS B 138 15.50 -6.14 15.60
C LYS B 138 16.07 -6.21 14.17
N ASP B 139 16.77 -7.31 13.84
CA ASP B 139 17.34 -7.54 12.52
C ASP B 139 16.71 -8.80 11.90
N ASN B 140 15.49 -9.12 12.33
CA ASN B 140 14.77 -10.29 11.86
C ASN B 140 14.84 -10.38 10.33
N GLN B 141 14.64 -9.23 9.65
CA GLN B 141 14.68 -9.10 8.20
C GLN B 141 16.04 -9.51 7.59
N PHE B 142 16.98 -9.92 8.46
CA PHE B 142 18.28 -10.42 8.03
C PHE B 142 18.55 -11.80 8.64
N VAL B 143 18.32 -11.96 9.95
CA VAL B 143 18.68 -13.19 10.66
C VAL B 143 17.91 -14.34 10.03
N ILE B 144 16.59 -14.15 9.97
CA ILE B 144 15.64 -15.19 9.59
C ILE B 144 15.83 -15.54 8.11
N PRO B 145 15.81 -14.58 7.16
CA PRO B 145 16.18 -14.88 5.78
C PRO B 145 17.43 -15.74 5.66
N ALA B 146 18.56 -15.23 6.21
CA ALA B 146 19.86 -15.85 6.00
C ALA B 146 19.92 -17.24 6.67
N ALA B 147 19.24 -17.40 7.81
CA ALA B 147 19.27 -18.63 8.58
C ALA B 147 18.55 -19.76 7.83
N LEU B 148 17.62 -19.36 6.97
CA LEU B 148 16.84 -20.28 6.15
C LEU B 148 17.61 -20.64 4.88
N LYS B 149 18.33 -19.66 4.30
CA LYS B 149 19.16 -19.90 3.14
C LYS B 149 20.19 -21.00 3.44
N MET B 150 20.64 -21.05 4.69
CA MET B 150 21.58 -22.07 5.12
C MET B 150 20.90 -23.43 5.16
N VAL B 151 19.76 -23.52 5.86
CA VAL B 151 19.04 -24.76 6.01
C VAL B 151 18.72 -25.36 4.63
N LYS B 152 18.46 -24.48 3.66
CA LYS B 152 18.17 -24.91 2.29
C LYS B 152 19.42 -25.55 1.70
N GLU B 153 20.51 -24.76 1.60
CA GLU B 153 21.76 -25.19 0.98
C GLU B 153 22.34 -26.42 1.67
N HIS B 154 22.00 -26.62 2.96
CA HIS B 154 22.38 -27.80 3.71
C HIS B 154 21.65 -29.04 3.17
N TYR B 155 20.32 -28.96 3.07
CA TYR B 155 19.53 -30.10 2.65
C TYR B 155 19.69 -30.34 1.15
N ARG B 156 20.18 -29.32 0.42
CA ARG B 156 20.45 -29.43 -1.01
C ARG B 156 21.68 -30.28 -1.30
N LYS B 157 22.60 -30.35 -0.34
CA LYS B 157 23.80 -31.19 -0.45
C LYS B 157 23.42 -32.66 -0.36
N THR B 158 22.69 -33.03 0.71
CA THR B 158 22.27 -34.40 0.97
C THR B 158 21.37 -34.89 -0.17
N GLY B 159 20.61 -33.96 -0.77
CA GLY B 159 19.72 -34.24 -1.87
C GLY B 159 18.26 -34.08 -1.46
N ASP B 160 17.95 -32.96 -0.77
CA ASP B 160 16.65 -32.76 -0.14
C ASP B 160 16.21 -31.30 -0.27
N ASN B 161 15.05 -31.09 -0.93
CA ASN B 161 14.46 -29.77 -1.06
C ASN B 161 13.62 -29.50 0.19
N PHE B 162 14.29 -28.97 1.22
CA PHE B 162 13.62 -28.42 2.38
C PHE B 162 12.61 -27.38 1.90
N MET B 163 11.36 -27.50 2.35
CA MET B 163 10.30 -26.66 1.83
C MET B 163 10.22 -25.35 2.63
N ILE B 164 10.35 -24.21 1.94
CA ILE B 164 10.26 -22.92 2.60
C ILE B 164 8.96 -22.25 2.17
N THR B 165 8.12 -21.90 3.16
CA THR B 165 6.90 -21.15 2.93
C THR B 165 6.94 -19.82 3.68
N MET B 166 5.82 -19.10 3.60
CA MET B 166 5.72 -17.74 4.12
C MET B 166 4.25 -17.37 4.16
N ALA B 167 3.80 -16.81 5.29
CA ALA B 167 2.39 -16.50 5.50
C ALA B 167 2.23 -15.08 6.04
N PRO B 168 2.52 -14.04 5.21
CA PRO B 168 2.29 -12.67 5.62
C PRO B 168 0.81 -12.30 5.51
N GLU B 169 0.44 -11.20 6.18
CA GLU B 169 -0.86 -10.59 5.95
C GLU B 169 -0.68 -9.70 4.71
N PHE B 170 -1.71 -9.70 3.85
CA PHE B 170 -1.62 -9.16 2.50
C PHE B 170 -1.34 -7.66 2.45
N PRO B 171 -1.58 -6.87 3.53
CA PRO B 171 -1.09 -5.49 3.55
C PRO B 171 0.39 -5.26 3.22
N TYR B 172 1.28 -6.15 3.71
CA TYR B 172 2.71 -5.86 3.75
C TYR B 172 3.39 -6.29 2.44
N LEU B 173 2.66 -7.00 1.60
CA LEU B 173 3.26 -7.75 0.52
C LEU B 173 3.66 -6.84 -0.64
N THR B 174 3.78 -5.54 -0.37
CA THR B 174 3.99 -4.59 -1.44
C THR B 174 5.50 -4.36 -1.56
N ALA B 175 5.88 -3.69 -2.65
CA ALA B 175 7.22 -3.17 -2.82
C ALA B 175 7.34 -1.94 -1.93
N ASN B 176 8.53 -1.74 -1.37
CA ASN B 176 8.70 -0.76 -0.31
C ASN B 176 7.90 -1.20 0.90
N GLY B 177 7.67 -2.52 1.04
CA GLY B 177 6.83 -3.05 2.09
C GLY B 177 7.65 -3.90 3.02
N ALA B 178 7.24 -3.97 4.29
CA ALA B 178 8.08 -4.46 5.37
C ALA B 178 8.65 -5.85 5.05
N TYR B 179 7.98 -6.61 4.18
CA TYR B 179 8.38 -7.97 3.90
C TYR B 179 9.39 -8.04 2.76
N THR B 180 9.61 -6.93 2.04
CA THR B 180 10.46 -6.94 0.85
C THR B 180 11.79 -7.64 1.12
N PRO B 181 12.50 -7.42 2.25
CA PRO B 181 13.73 -8.17 2.53
C PRO B 181 13.56 -9.68 2.58
N TYR B 182 12.54 -10.16 3.31
CA TYR B 182 12.25 -11.59 3.42
C TYR B 182 12.00 -12.22 2.05
N LEU B 183 11.11 -11.60 1.26
CA LEU B 183 10.76 -12.09 -0.06
C LEU B 183 12.01 -12.13 -0.92
N THR B 184 12.58 -10.94 -1.16
CA THR B 184 13.64 -10.78 -2.14
C THR B 184 14.83 -11.65 -1.74
N GLU B 185 15.06 -11.85 -0.42
CA GLU B 185 16.22 -12.62 0.03
C GLU B 185 15.98 -14.10 -0.22
N LEU B 186 14.74 -14.56 -0.01
CA LEU B 186 14.40 -15.95 -0.19
C LEU B 186 13.83 -16.25 -1.59
N ASP B 187 13.93 -15.27 -2.49
CA ASP B 187 13.49 -15.45 -3.87
C ASP B 187 14.27 -16.62 -4.45
N GLY B 188 13.55 -17.69 -4.81
CA GLY B 188 14.18 -18.87 -5.38
C GLY B 188 14.57 -19.88 -4.30
N TYR B 189 14.19 -19.59 -3.05
CA TYR B 189 14.36 -20.53 -1.95
C TYR B 189 12.99 -20.98 -1.45
N TYR B 190 12.05 -20.03 -1.43
CA TYR B 190 10.65 -20.30 -1.08
C TYR B 190 10.07 -21.28 -2.09
N ASP B 191 9.36 -22.29 -1.57
CA ASP B 191 8.71 -23.30 -2.39
C ASP B 191 7.35 -22.75 -2.83
N PHE B 192 6.66 -22.09 -1.89
CA PHE B 192 5.52 -21.24 -2.24
C PHE B 192 5.17 -20.30 -1.07
N ILE B 193 4.29 -19.34 -1.36
CA ILE B 193 3.77 -18.39 -0.38
C ILE B 193 2.28 -18.68 -0.15
N ASN B 194 1.88 -18.78 1.12
CA ASN B 194 0.50 -19.00 1.51
C ASN B 194 -0.01 -17.80 2.31
N PRO B 195 -0.25 -16.63 1.68
CA PRO B 195 -0.64 -15.42 2.41
C PRO B 195 -1.95 -15.58 3.16
N GLN B 196 -2.17 -14.66 4.10
CA GLN B 196 -3.34 -14.68 4.96
C GLN B 196 -4.31 -13.61 4.47
N PHE B 197 -5.45 -14.03 3.95
CA PHE B 197 -6.49 -13.10 3.56
C PHE B 197 -7.61 -13.22 4.59
N TYR B 198 -7.20 -13.31 5.86
CA TYR B 198 -8.12 -13.26 6.98
C TYR B 198 -7.55 -12.34 8.05
N ASN B 199 -8.28 -12.19 9.16
CA ASN B 199 -7.83 -11.39 10.30
C ASN B 199 -7.21 -10.09 9.80
N GLN B 200 -7.86 -9.44 8.83
CA GLN B 200 -7.49 -8.10 8.39
C GLN B 200 -8.74 -7.24 8.25
N GLY B 201 -9.69 -7.40 9.19
CA GLY B 201 -10.83 -6.52 9.29
C GLY B 201 -11.17 -5.91 7.93
N GLY B 202 -10.69 -4.68 7.71
CA GLY B 202 -11.17 -3.84 6.63
C GLY B 202 -9.97 -3.21 5.91
N ASP B 203 -9.05 -4.10 5.56
CA ASP B 203 -7.98 -3.77 4.64
C ASP B 203 -8.39 -4.31 3.27
N GLY B 204 -7.92 -3.68 2.20
CA GLY B 204 -8.50 -3.97 0.90
C GLY B 204 -7.75 -3.29 -0.24
N LEU B 205 -8.47 -3.00 -1.32
CA LEU B 205 -7.88 -2.31 -2.47
C LEU B 205 -8.96 -1.67 -3.33
N TRP B 206 -8.52 -0.91 -4.35
CA TRP B 206 -9.38 0.00 -5.06
C TRP B 206 -9.29 -0.29 -6.57
N ILE B 207 -10.38 -0.78 -7.14
CA ILE B 207 -10.40 -1.05 -8.57
C ILE B 207 -11.27 -0.01 -9.26
N GLU B 208 -10.68 0.61 -10.28
CA GLU B 208 -11.40 1.53 -11.17
C GLU B 208 -12.35 0.70 -12.02
N GLY B 209 -13.50 1.29 -12.36
CA GLY B 209 -14.61 0.56 -12.94
C GLY B 209 -15.50 -0.04 -11.86
N VAL B 210 -14.91 -0.36 -10.69
CA VAL B 210 -15.61 -1.07 -9.62
C VAL B 210 -15.64 -0.17 -8.40
N GLY B 211 -14.47 -0.04 -7.72
CA GLY B 211 -14.38 0.69 -6.47
C GLY B 211 -13.55 -0.04 -5.41
N TRP B 212 -13.88 0.17 -4.11
CA TRP B 212 -13.02 -0.21 -3.00
C TRP B 212 -13.49 -1.53 -2.36
N ILE B 213 -12.73 -2.59 -2.62
CA ILE B 213 -13.04 -3.90 -2.09
C ILE B 213 -12.53 -3.96 -0.64
N ALA B 214 -12.76 -5.07 0.05
CA ALA B 214 -12.37 -5.15 1.44
C ALA B 214 -12.50 -6.61 1.89
N GLN B 215 -11.66 -7.02 2.83
CA GLN B 215 -11.55 -8.43 3.16
C GLN B 215 -12.75 -8.82 4.03
N ASN B 216 -13.43 -7.82 4.58
CA ASN B 216 -14.68 -8.00 5.28
C ASN B 216 -15.81 -8.19 4.28
N ASN B 217 -15.92 -7.24 3.33
CA ASN B 217 -17.07 -7.04 2.45
C ASN B 217 -17.48 -8.35 1.76
N ASP B 218 -18.27 -9.16 2.49
CA ASP B 218 -18.68 -10.50 2.06
C ASP B 218 -19.52 -10.46 0.79
N ALA B 219 -20.17 -9.32 0.54
CA ALA B 219 -20.96 -9.09 -0.65
C ALA B 219 -20.10 -9.25 -1.90
N LEU B 220 -18.80 -8.94 -1.77
CA LEU B 220 -17.89 -8.94 -2.91
C LEU B 220 -16.61 -9.69 -2.55
N LYS B 221 -16.76 -10.94 -2.11
CA LYS B 221 -15.60 -11.76 -1.87
C LYS B 221 -14.93 -12.10 -3.21
N GLU B 222 -15.68 -12.10 -4.33
CA GLU B 222 -15.16 -12.55 -5.61
C GLU B 222 -14.09 -11.59 -6.12
N GLU B 223 -14.42 -10.30 -6.12
CA GLU B 223 -13.52 -9.32 -6.70
C GLU B 223 -12.24 -9.25 -5.90
N PHE B 224 -12.41 -9.29 -4.57
CA PHE B 224 -11.28 -9.31 -3.66
C PHE B 224 -10.25 -10.29 -4.18
N ILE B 225 -10.65 -11.57 -4.14
CA ILE B 225 -9.81 -12.71 -4.46
C ILE B 225 -9.25 -12.55 -5.86
N TYR B 226 -10.09 -12.24 -6.85
CA TYR B 226 -9.55 -12.07 -8.19
C TYR B 226 -8.45 -11.01 -8.16
N TYR B 227 -8.81 -9.83 -7.69
CA TYR B 227 -8.01 -8.64 -7.96
C TYR B 227 -6.76 -8.67 -7.10
N ILE B 228 -6.92 -8.99 -5.81
CA ILE B 228 -5.76 -9.12 -4.94
C ILE B 228 -4.74 -10.03 -5.63
N ALA B 229 -5.26 -11.13 -6.20
CA ALA B 229 -4.42 -12.21 -6.69
C ALA B 229 -3.83 -11.86 -8.04
N ASP B 230 -4.64 -11.21 -8.89
CA ASP B 230 -4.13 -10.67 -10.13
C ASP B 230 -2.94 -9.78 -9.82
N SER B 231 -3.17 -8.88 -8.84
CA SER B 231 -2.21 -7.86 -8.50
C SER B 231 -0.89 -8.51 -8.12
N LEU B 232 -0.94 -9.62 -7.37
CA LEU B 232 0.27 -10.26 -6.88
C LEU B 232 1.03 -11.01 -7.99
N ILE B 233 0.34 -11.94 -8.65
CA ILE B 233 0.96 -12.83 -9.63
C ILE B 233 1.61 -12.06 -10.78
N ASN B 234 1.02 -10.91 -11.15
CA ASN B 234 1.58 -10.05 -12.18
C ASN B 234 2.29 -8.83 -11.56
N GLY B 235 2.36 -8.78 -10.22
CA GLY B 235 3.01 -7.67 -9.53
C GLY B 235 2.52 -6.31 -10.03
N THR B 236 1.23 -6.04 -9.83
CA THR B 236 0.60 -4.80 -10.23
C THR B 236 -0.13 -4.20 -9.03
N ARG B 237 -0.95 -3.16 -9.27
CA ARG B 237 -1.69 -2.44 -8.25
C ARG B 237 -0.85 -2.40 -6.97
N ASN B 238 0.37 -1.86 -7.14
CA ASN B 238 1.34 -1.69 -6.07
C ASN B 238 1.31 -2.91 -5.15
N TYR B 239 1.95 -3.98 -5.62
CA TYR B 239 2.03 -5.24 -4.90
C TYR B 239 3.17 -6.08 -5.46
N HIS B 240 3.86 -6.84 -4.59
CA HIS B 240 5.08 -7.53 -4.95
C HIS B 240 4.75 -8.78 -5.75
N LYS B 241 5.63 -9.11 -6.69
CA LYS B 241 5.41 -10.23 -7.60
C LYS B 241 5.60 -11.53 -6.83
N ILE B 242 4.47 -12.25 -6.64
CA ILE B 242 4.45 -13.63 -6.21
C ILE B 242 3.87 -14.47 -7.34
N PRO B 243 4.70 -15.25 -8.09
CA PRO B 243 4.20 -16.00 -9.25
C PRO B 243 3.10 -17.02 -8.94
N HIS B 244 2.20 -17.20 -9.91
CA HIS B 244 0.98 -17.99 -9.75
C HIS B 244 1.25 -19.43 -9.31
N ASP B 245 2.32 -20.04 -9.85
CA ASP B 245 2.79 -21.34 -9.40
C ASP B 245 3.41 -21.33 -8.01
N LYS B 246 3.41 -20.18 -7.31
CA LYS B 246 3.94 -20.15 -5.95
C LYS B 246 2.96 -19.43 -5.03
N LEU B 247 1.71 -19.23 -5.47
CA LEU B 247 0.76 -18.45 -4.70
C LEU B 247 -0.38 -19.33 -4.22
N VAL B 248 -0.65 -19.29 -2.91
CA VAL B 248 -1.68 -20.10 -2.28
C VAL B 248 -2.58 -19.25 -1.41
N PHE B 249 -3.88 -19.20 -1.70
CA PHE B 249 -4.79 -18.30 -0.99
C PHE B 249 -5.14 -18.82 0.41
N GLY B 250 -4.76 -18.05 1.45
CA GLY B 250 -4.96 -18.40 2.84
C GLY B 250 -6.32 -17.94 3.36
N LEU B 251 -7.08 -18.90 3.92
CA LEU B 251 -8.48 -18.70 4.26
C LEU B 251 -8.83 -19.31 5.61
N PRO B 252 -9.74 -18.67 6.39
CA PRO B 252 -10.26 -19.24 7.64
C PRO B 252 -11.14 -20.43 7.33
N SER B 253 -11.16 -21.41 8.23
CA SER B 253 -11.99 -22.60 8.06
C SER B 253 -13.44 -22.31 8.44
N ASN B 254 -13.67 -21.24 9.21
CA ASN B 254 -15.01 -20.84 9.60
C ASN B 254 -15.01 -19.37 10.03
N ILE B 255 -16.06 -18.96 10.77
CA ILE B 255 -16.19 -17.61 11.29
C ILE B 255 -15.47 -17.47 12.63
N ASP B 256 -15.31 -18.59 13.34
CA ASP B 256 -14.64 -18.60 14.64
C ASP B 256 -13.11 -18.61 14.48
N ALA B 257 -12.61 -18.63 13.24
CA ALA B 257 -11.18 -18.72 12.99
C ALA B 257 -10.58 -17.35 12.67
N ALA B 258 -11.43 -16.34 12.49
CA ALA B 258 -10.96 -15.04 12.03
C ALA B 258 -12.04 -13.98 12.19
N ALA B 259 -11.61 -12.72 12.10
CA ALA B 259 -12.48 -11.57 12.26
C ALA B 259 -13.17 -11.29 10.93
N THR B 260 -12.41 -11.40 9.85
CA THR B 260 -12.94 -11.23 8.51
C THR B 260 -12.23 -12.24 7.60
N GLY B 261 -12.63 -12.25 6.31
CA GLY B 261 -11.91 -13.01 5.30
C GLY B 261 -12.56 -14.36 5.01
N TYR B 262 -13.27 -14.93 6.00
CA TYR B 262 -13.93 -16.22 5.79
C TYR B 262 -14.83 -16.11 4.57
N ILE B 263 -14.93 -17.23 3.83
CA ILE B 263 -15.78 -17.35 2.66
C ILE B 263 -17.11 -17.95 3.11
N GLN B 264 -18.21 -17.26 2.76
CA GLN B 264 -19.56 -17.74 3.07
C GLN B 264 -20.07 -18.59 1.91
N ASP B 265 -20.00 -18.00 0.70
CA ASP B 265 -20.29 -18.67 -0.56
C ASP B 265 -18.99 -19.09 -1.25
N PRO B 266 -18.64 -20.40 -1.23
CA PRO B 266 -17.43 -20.88 -1.90
C PRO B 266 -17.38 -20.67 -3.41
N GLN B 267 -18.55 -20.43 -4.04
CA GLN B 267 -18.64 -20.08 -5.45
C GLN B 267 -17.78 -18.86 -5.77
N ASP B 268 -17.77 -17.89 -4.86
CA ASP B 268 -16.96 -16.70 -5.05
C ASP B 268 -15.52 -17.10 -5.35
N LEU B 269 -15.01 -18.17 -4.71
CA LEU B 269 -13.63 -18.56 -4.87
C LEU B 269 -13.40 -19.24 -6.21
N TYR B 270 -14.28 -20.18 -6.57
CA TYR B 270 -14.06 -20.94 -7.78
C TYR B 270 -14.02 -19.95 -8.94
N LYS B 271 -15.05 -19.10 -9.03
CA LYS B 271 -15.16 -18.06 -10.06
C LYS B 271 -13.88 -17.22 -10.15
N ALA B 272 -13.35 -16.85 -8.98
CA ALA B 272 -12.04 -16.21 -8.90
C ALA B 272 -10.96 -17.06 -9.55
N PHE B 273 -10.74 -18.26 -9.00
CA PHE B 273 -9.70 -19.17 -9.46
C PHE B 273 -9.91 -19.49 -10.94
N ASP B 274 -11.17 -19.62 -11.34
CA ASP B 274 -11.48 -19.90 -12.73
C ASP B 274 -10.96 -18.74 -13.57
N ARG B 275 -11.21 -17.49 -13.11
CA ARG B 275 -10.80 -16.32 -13.86
C ARG B 275 -9.29 -16.31 -14.01
N LEU B 276 -8.56 -16.50 -12.91
CA LEU B 276 -7.10 -16.43 -12.93
C LEU B 276 -6.53 -17.42 -13.93
N LYS B 277 -7.09 -18.63 -13.95
CA LYS B 277 -6.69 -19.62 -14.92
C LYS B 277 -6.99 -19.09 -16.32
N ALA B 278 -8.16 -18.46 -16.49
CA ALA B 278 -8.61 -17.97 -17.78
C ALA B 278 -7.56 -17.04 -18.37
N GLN B 279 -6.93 -16.26 -17.50
CA GLN B 279 -5.93 -15.33 -17.94
C GLN B 279 -4.61 -16.06 -18.16
N GLY B 280 -4.48 -17.30 -17.64
CA GLY B 280 -3.27 -18.10 -17.81
C GLY B 280 -2.33 -18.08 -16.59
N GLN B 281 -2.83 -17.65 -15.43
CA GLN B 281 -2.05 -17.68 -14.22
C GLN B 281 -2.91 -18.31 -13.13
N PRO B 282 -3.06 -19.65 -13.13
CA PRO B 282 -3.88 -20.34 -12.15
C PRO B 282 -3.08 -20.41 -10.86
N LEU B 283 -3.78 -20.42 -9.73
CA LEU B 283 -3.10 -20.36 -8.45
C LEU B 283 -2.57 -21.75 -8.12
N ARG B 284 -1.74 -21.79 -7.07
CA ARG B 284 -1.04 -23.00 -6.68
C ARG B 284 -1.87 -23.78 -5.66
N GLY B 285 -2.75 -23.09 -4.91
CA GLY B 285 -3.74 -23.81 -4.10
C GLY B 285 -4.48 -22.92 -3.11
N VAL B 286 -4.89 -23.53 -2.00
CA VAL B 286 -5.50 -22.80 -0.90
C VAL B 286 -4.83 -23.23 0.40
N MET B 287 -4.81 -22.33 1.37
CA MET B 287 -4.34 -22.62 2.71
C MET B 287 -5.47 -22.31 3.68
N THR B 288 -5.62 -23.16 4.71
CA THR B 288 -6.71 -23.00 5.67
C THR B 288 -6.16 -22.82 7.08
N TRP B 289 -6.69 -21.80 7.76
CA TRP B 289 -6.56 -21.62 9.20
C TRP B 289 -7.89 -21.99 9.86
N SER B 290 -8.01 -23.23 10.39
CA SER B 290 -6.98 -24.24 10.41
C SER B 290 -7.62 -25.61 10.60
N VAL B 291 -6.91 -26.68 10.22
CA VAL B 291 -7.51 -28.01 10.14
C VAL B 291 -8.39 -28.24 11.36
N ASN B 292 -7.94 -27.74 12.53
CA ASN B 292 -8.67 -27.90 13.78
C ASN B 292 -10.01 -27.19 13.70
N TRP B 293 -9.98 -25.89 13.41
CA TRP B 293 -11.20 -25.10 13.29
C TRP B 293 -12.17 -25.72 12.29
N ASP B 294 -11.66 -26.58 11.39
CA ASP B 294 -12.49 -27.30 10.43
C ASP B 294 -13.07 -28.56 11.11
N MET B 295 -12.24 -29.22 11.92
CA MET B 295 -12.53 -30.52 12.51
C MET B 295 -13.25 -30.41 13.86
N GLY B 296 -13.71 -29.20 14.24
CA GLY B 296 -14.25 -28.95 15.56
C GLY B 296 -15.68 -28.41 15.51
N THR B 297 -16.15 -27.87 16.65
CA THR B 297 -17.51 -27.34 16.78
C THR B 297 -17.43 -25.84 17.08
N ASP B 298 -18.60 -25.17 17.12
CA ASP B 298 -18.67 -23.72 17.25
C ASP B 298 -19.14 -23.35 18.65
N ALA B 299 -19.86 -22.20 18.75
CA ALA B 299 -20.49 -21.75 19.98
C ALA B 299 -21.43 -22.82 20.53
N ALA B 300 -22.53 -23.11 19.82
CA ALA B 300 -23.58 -23.99 20.33
C ALA B 300 -23.23 -25.47 20.11
N ASN B 301 -21.92 -25.77 19.99
CA ASN B 301 -21.42 -27.12 19.77
C ASN B 301 -21.93 -27.68 18.44
N ASN B 302 -21.60 -27.00 17.33
CA ASN B 302 -22.07 -27.39 16.00
C ASN B 302 -20.92 -27.90 15.12
N SER B 303 -20.43 -29.11 15.45
CA SER B 303 -19.41 -29.81 14.68
C SER B 303 -19.43 -29.36 13.22
N TYR B 304 -18.53 -28.42 12.90
CA TYR B 304 -18.44 -27.81 11.58
C TYR B 304 -18.39 -28.88 10.49
N ASN B 305 -17.82 -30.05 10.84
CA ASN B 305 -17.83 -31.24 10.00
C ASN B 305 -17.03 -30.95 8.74
N GLN B 306 -15.76 -30.58 8.93
CA GLN B 306 -14.83 -30.28 7.85
C GLN B 306 -15.58 -29.68 6.66
N GLN B 307 -16.15 -28.48 6.86
CA GLN B 307 -16.89 -27.80 5.80
C GLN B 307 -15.90 -27.34 4.73
N PHE B 308 -14.85 -26.63 5.17
CA PHE B 308 -13.89 -26.01 4.27
C PHE B 308 -13.36 -27.03 3.26
N ILE B 309 -12.63 -28.05 3.73
CA ILE B 309 -12.00 -29.02 2.85
C ILE B 309 -13.04 -29.71 1.95
N LYS B 310 -14.23 -30.00 2.48
CA LYS B 310 -15.28 -30.55 1.64
C LYS B 310 -15.49 -29.60 0.45
N ASP B 311 -15.54 -28.29 0.72
CA ASP B 311 -15.84 -27.30 -0.29
C ASP B 311 -14.70 -27.13 -1.29
N TYR B 312 -13.46 -27.14 -0.81
CA TYR B 312 -12.36 -26.68 -1.64
C TYR B 312 -11.34 -27.79 -1.94
N GLY B 313 -11.41 -28.92 -1.24
CA GLY B 313 -10.33 -29.88 -1.26
C GLY B 313 -10.18 -30.51 -2.65
N ASN B 314 -11.32 -31.02 -3.13
CA ASN B 314 -11.34 -31.70 -4.41
C ASN B 314 -11.00 -30.67 -5.48
N PHE B 315 -11.75 -29.54 -5.44
CA PHE B 315 -11.66 -28.44 -6.39
C PHE B 315 -10.21 -28.07 -6.73
N ILE B 316 -9.30 -28.06 -5.75
CA ILE B 316 -7.91 -27.73 -6.00
C ILE B 316 -7.18 -28.88 -6.68
N HIS B 317 -7.40 -30.13 -6.22
CA HIS B 317 -6.66 -31.27 -6.70
C HIS B 317 -7.05 -31.57 -8.14
N ASN B 318 -8.30 -31.27 -8.50
CA ASN B 318 -8.83 -31.48 -9.84
C ASN B 318 -8.14 -30.60 -10.87
N GLN B 319 -7.85 -29.33 -10.51
CA GLN B 319 -7.15 -28.40 -11.37
C GLN B 319 -5.84 -29.04 -11.85
N LEU B 320 -5.34 -28.62 -13.01
CA LEU B 320 -4.24 -29.34 -13.67
C LEU B 320 -2.97 -29.17 -12.83
N PRO B 321 -1.86 -29.83 -13.18
CA PRO B 321 -0.59 -29.57 -12.51
C PRO B 321 -0.12 -28.11 -12.58
N PRO B 322 0.82 -27.67 -11.70
CA PRO B 322 1.36 -26.32 -11.77
C PRO B 322 2.36 -26.21 -12.93
N VAL B 323 2.51 -24.97 -13.43
CA VAL B 323 3.44 -24.64 -14.50
C VAL B 323 4.31 -23.50 -14.01
N THR B 324 5.64 -23.68 -14.03
CA THR B 324 6.54 -22.69 -13.46
C THR B 324 6.61 -21.46 -14.36
N ASP B 325 6.49 -20.27 -13.76
CA ASP B 325 6.65 -19.00 -14.43
C ASP B 325 8.13 -18.62 -14.36
N MET B 326 8.82 -18.75 -15.49
CA MET B 326 10.26 -18.61 -15.51
C MET B 326 10.62 -17.17 -15.85
N THR B 327 9.60 -16.32 -16.03
CA THR B 327 9.87 -14.93 -16.37
C THR B 327 10.83 -14.38 -15.32
N PRO B 328 11.81 -13.54 -15.73
CA PRO B 328 12.71 -12.88 -14.80
C PRO B 328 11.97 -11.72 -14.12
N THR B 329 12.50 -11.31 -12.98
CA THR B 329 11.95 -10.19 -12.22
C THR B 329 12.95 -9.04 -12.27
N LEU B 330 12.44 -7.85 -12.57
CA LEU B 330 13.20 -6.63 -12.43
C LEU B 330 12.80 -5.93 -11.13
N SER B 331 13.78 -5.34 -10.43
CA SER B 331 13.55 -4.60 -9.21
C SER B 331 14.19 -3.21 -9.29
N GLY B 332 13.65 -2.30 -8.47
CA GLY B 332 14.29 -1.02 -8.22
C GLY B 332 13.84 0.08 -9.19
N ILE B 333 12.95 -0.24 -10.14
CA ILE B 333 12.45 0.79 -11.04
C ILE B 333 11.46 1.68 -10.30
N VAL B 334 11.71 2.98 -10.41
CA VAL B 334 10.88 4.01 -9.83
C VAL B 334 10.94 5.19 -10.77
N ASP B 335 9.83 5.88 -10.98
CA ASP B 335 9.85 7.05 -11.81
C ASP B 335 10.73 8.08 -11.12
N THR B 336 11.41 8.93 -11.90
CA THR B 336 12.45 9.77 -11.32
C THR B 336 12.41 11.17 -11.91
N ARG B 337 12.85 12.11 -11.10
CA ARG B 337 12.95 13.50 -11.49
C ARG B 337 14.44 13.80 -11.60
N VAL B 338 14.79 14.52 -12.67
CA VAL B 338 16.17 14.88 -12.88
C VAL B 338 16.26 16.37 -13.15
N GLU B 339 17.17 17.04 -12.46
CA GLU B 339 17.40 18.46 -12.71
C GLU B 339 18.03 18.61 -14.11
N LEU B 340 17.65 19.69 -14.81
CA LEU B 340 18.16 20.00 -16.14
C LEU B 340 19.69 20.12 -16.17
N ASP B 341 20.28 19.57 -17.25
CA ASP B 341 21.70 19.62 -17.56
C ASP B 341 22.50 18.85 -16.52
N SER B 342 21.96 17.72 -16.05
CA SER B 342 22.62 16.92 -15.04
C SER B 342 22.73 15.51 -15.56
N HIS B 343 23.48 14.68 -14.84
CA HIS B 343 23.94 13.46 -15.47
C HIS B 343 23.16 12.30 -14.90
N PHE B 344 22.44 11.62 -15.79
CA PHE B 344 21.57 10.55 -15.36
C PHE B 344 22.17 9.21 -15.78
N ASP B 345 22.72 8.44 -14.82
CA ASP B 345 23.12 7.08 -15.18
C ASP B 345 21.88 6.18 -15.06
N PRO B 346 21.31 5.69 -16.18
CA PRO B 346 20.06 4.96 -16.14
C PRO B 346 20.23 3.48 -15.82
N LEU B 347 21.27 3.10 -15.08
CA LEU B 347 21.39 1.71 -14.61
C LEU B 347 21.56 1.69 -13.10
N ILE B 348 21.77 2.87 -12.50
CA ILE B 348 22.06 2.97 -11.08
C ILE B 348 20.79 2.57 -10.36
N GLY B 349 20.89 1.48 -9.59
CA GLY B 349 19.87 1.08 -8.63
C GLY B 349 18.82 0.13 -9.20
N ILE B 350 19.07 -0.37 -10.41
CA ILE B 350 18.22 -1.39 -11.03
C ILE B 350 18.94 -2.74 -11.01
N THR B 351 18.25 -3.75 -10.48
CA THR B 351 18.78 -5.08 -10.27
C THR B 351 17.86 -6.08 -10.96
N ALA B 352 18.32 -7.33 -11.08
CA ALA B 352 17.52 -8.37 -11.74
C ALA B 352 17.81 -9.72 -11.09
N LYS B 353 16.83 -10.61 -11.26
CA LYS B 353 16.91 -11.97 -10.79
C LYS B 353 16.11 -12.85 -11.72
N ASP B 354 16.67 -14.05 -11.99
CA ASP B 354 15.99 -15.12 -12.72
C ASP B 354 15.00 -15.77 -11.75
N TYR B 355 14.19 -16.71 -12.25
CA TYR B 355 13.10 -17.30 -11.46
C TYR B 355 13.65 -18.11 -10.28
N GLN B 356 14.94 -18.49 -10.34
CA GLN B 356 15.59 -19.31 -9.32
C GLN B 356 16.28 -18.44 -8.27
N GLY B 357 16.30 -17.11 -8.51
CA GLY B 357 16.78 -16.13 -7.55
C GLY B 357 18.24 -15.75 -7.76
N ASN B 358 18.76 -15.97 -8.96
CA ASN B 358 20.17 -15.73 -9.22
C ASN B 358 20.31 -14.33 -9.81
N ASP B 359 21.07 -13.45 -9.13
CA ASP B 359 21.40 -12.15 -9.67
C ASP B 359 21.80 -12.27 -11.13
N ILE B 360 20.99 -11.71 -12.02
CA ILE B 360 21.30 -11.64 -13.45
C ILE B 360 21.30 -10.17 -13.85
N THR B 361 21.73 -9.30 -12.92
CA THR B 361 21.61 -7.87 -13.11
C THR B 361 22.44 -7.48 -14.32
N ALA B 362 23.57 -8.18 -14.45
CA ALA B 362 24.55 -7.96 -15.50
C ALA B 362 23.93 -7.94 -16.89
N ASP B 363 22.79 -8.61 -17.09
CA ASP B 363 22.20 -8.79 -18.42
C ASP B 363 21.10 -7.76 -18.71
N VAL B 364 20.93 -6.76 -17.84
CA VAL B 364 19.82 -5.83 -17.98
C VAL B 364 20.15 -4.79 -19.04
N THR B 365 19.21 -4.56 -19.96
CA THR B 365 19.39 -3.66 -21.08
C THR B 365 18.34 -2.57 -21.00
N VAL B 366 18.73 -1.36 -21.39
CA VAL B 366 17.92 -0.17 -21.24
C VAL B 366 17.69 0.41 -22.62
N SER B 367 16.46 0.84 -22.89
CA SER B 367 16.12 1.38 -24.20
C SER B 367 15.47 2.74 -23.95
N GLY B 368 15.49 3.62 -24.95
CA GLY B 368 14.96 4.98 -24.81
C GLY B 368 16.04 5.94 -24.32
N SER B 369 15.93 7.23 -24.66
CA SER B 369 16.93 8.18 -24.21
C SER B 369 16.33 9.21 -23.24
N VAL B 370 17.18 9.78 -22.40
CA VAL B 370 16.75 10.88 -21.57
C VAL B 370 17.57 12.12 -21.91
N ASN B 371 16.86 13.14 -22.41
CA ASN B 371 17.52 14.37 -22.80
C ASN B 371 17.61 15.28 -21.59
N THR B 372 18.74 15.23 -20.86
CA THR B 372 18.82 15.90 -19.57
C THR B 372 18.95 17.41 -19.82
N ASN B 373 18.87 17.83 -21.09
CA ASN B 373 19.07 19.21 -21.46
C ASN B 373 17.83 19.71 -22.19
N GLN B 374 16.67 19.13 -21.85
CA GLN B 374 15.38 19.52 -22.41
C GLN B 374 14.24 19.09 -21.48
N VAL B 375 13.60 20.04 -20.80
CA VAL B 375 12.59 19.72 -19.81
C VAL B 375 11.42 19.00 -20.49
N GLY B 376 10.98 17.91 -19.85
CA GLY B 376 9.96 17.03 -20.37
C GLY B 376 10.01 15.68 -19.67
N ASP B 377 9.09 14.78 -20.04
CA ASP B 377 9.05 13.42 -19.53
C ASP B 377 9.58 12.46 -20.60
N TYR B 378 10.37 11.48 -20.16
CA TYR B 378 11.04 10.57 -21.07
C TYR B 378 10.76 9.13 -20.63
N LEU B 379 10.54 8.23 -21.60
CA LEU B 379 10.18 6.87 -21.25
C LEU B 379 11.34 5.93 -21.58
N LEU B 380 11.84 5.25 -20.56
CA LEU B 380 12.80 4.18 -20.73
C LEU B 380 12.14 2.81 -20.60
N THR B 381 12.81 1.82 -21.19
CA THR B 381 12.32 0.46 -21.17
C THR B 381 13.47 -0.42 -20.72
N TYR B 382 13.31 -0.99 -19.52
CA TYR B 382 14.32 -1.86 -18.95
C TYR B 382 13.91 -3.28 -19.31
N SER B 383 14.78 -3.98 -20.06
CA SER B 383 14.50 -5.33 -20.51
C SER B 383 15.56 -6.26 -19.98
N VAL B 384 15.17 -7.52 -19.78
CA VAL B 384 16.12 -8.54 -19.41
C VAL B 384 15.56 -9.87 -19.87
N SER B 385 16.45 -10.82 -20.15
CA SER B 385 16.05 -12.10 -20.70
C SER B 385 16.76 -13.24 -19.97
N SER B 386 16.02 -14.33 -19.70
CA SER B 386 16.54 -15.48 -18.99
C SER B 386 15.59 -16.66 -19.15
N ASP B 387 16.17 -17.87 -19.25
CA ASP B 387 15.40 -19.10 -19.32
C ASP B 387 14.36 -18.99 -20.45
N ASP B 388 14.80 -18.46 -21.60
CA ASP B 388 13.98 -18.34 -22.80
C ASP B 388 12.73 -17.49 -22.56
N GLU B 389 12.80 -16.56 -21.61
CA GLU B 389 11.71 -15.63 -21.29
C GLU B 389 12.28 -14.22 -21.30
N THR B 390 11.40 -13.20 -21.40
CA THR B 390 11.79 -11.80 -21.33
C THR B 390 10.78 -11.01 -20.49
N THR B 391 11.30 -10.23 -19.55
CA THR B 391 10.52 -9.22 -18.87
C THR B 391 10.93 -7.85 -19.41
N ASN B 392 9.95 -6.96 -19.51
CA ASN B 392 10.22 -5.57 -19.85
C ASN B 392 9.38 -4.72 -18.92
N GLN B 393 9.90 -3.53 -18.61
CA GLN B 393 9.36 -2.71 -17.54
C GLN B 393 9.62 -1.27 -17.93
N PRO B 394 8.60 -0.39 -17.91
CA PRO B 394 8.80 1.02 -18.24
C PRO B 394 9.30 1.79 -17.03
N ARG B 395 9.74 3.01 -17.29
CA ARG B 395 10.19 3.91 -16.23
C ARG B 395 10.06 5.32 -16.75
N LYS B 396 9.40 6.20 -15.98
CA LYS B 396 9.32 7.59 -16.38
C LYS B 396 10.45 8.41 -15.73
N ILE B 397 10.99 9.33 -16.51
CA ILE B 397 12.07 10.20 -16.09
C ILE B 397 11.66 11.62 -16.42
N THR B 398 11.57 12.48 -15.41
CA THR B 398 11.10 13.82 -15.67
C THR B 398 12.30 14.70 -15.48
N VAL B 399 12.40 15.71 -16.35
CA VAL B 399 13.57 16.58 -16.38
C VAL B 399 13.07 17.95 -16.00
N TYR B 400 13.39 18.33 -14.74
CA TYR B 400 12.84 19.50 -14.09
C TYR B 400 13.81 20.67 -14.15
N VAL B 401 13.36 21.81 -13.63
CA VAL B 401 14.09 23.04 -13.84
C VAL B 401 14.46 23.64 -12.48
N SER B 402 13.46 24.08 -11.73
CA SER B 402 13.68 24.84 -10.51
C SER B 402 14.57 26.07 -10.79
N ASP B 403 14.25 26.82 -11.87
CA ASP B 403 14.87 28.10 -12.22
C ASP B 403 15.48 28.79 -11.01
N ASP B 404 16.74 29.20 -11.17
CA ASP B 404 17.53 29.53 -10.01
C ASP B 404 17.83 31.02 -10.01
N ASP B 405 18.20 31.49 -8.81
CA ASP B 405 18.49 32.89 -8.57
C ASP B 405 19.76 33.24 -9.34
N TRP B 406 19.63 34.15 -10.29
CA TRP B 406 20.78 34.82 -10.85
C TRP B 406 21.84 34.99 -9.79
N GLN B 407 23.07 34.65 -10.17
CA GLN B 407 24.28 34.82 -9.38
C GLN B 407 25.20 35.73 -10.17
N VAL B 408 25.87 36.66 -9.47
CA VAL B 408 26.69 37.67 -10.12
C VAL B 408 27.84 36.97 -10.85
N GLY B 409 28.50 36.04 -10.14
CA GLY B 409 29.73 35.41 -10.62
C GLY B 409 29.47 34.14 -11.45
N SER B 410 28.19 33.81 -11.69
CA SER B 410 27.84 32.72 -12.58
C SER B 410 27.67 33.28 -13.98
N THR B 411 27.65 32.37 -14.94
CA THR B 411 27.70 32.74 -16.33
C THR B 411 26.47 32.15 -16.97
N TYR B 412 25.82 32.90 -17.85
CA TYR B 412 24.56 32.45 -18.37
C TYR B 412 24.70 32.58 -19.88
N VAL B 413 24.17 31.59 -20.61
CA VAL B 413 24.19 31.61 -22.06
C VAL B 413 22.85 32.12 -22.58
N LYS B 414 22.65 32.05 -23.90
CA LYS B 414 21.41 32.49 -24.51
C LYS B 414 20.30 31.48 -24.21
N ASP B 415 19.13 32.04 -23.82
CA ASP B 415 17.89 31.30 -23.56
C ASP B 415 17.79 30.84 -22.10
N ASP B 416 18.89 30.92 -21.33
CA ASP B 416 18.91 30.69 -19.89
C ASP B 416 18.02 31.69 -19.14
N LYS B 417 17.14 31.14 -18.29
CA LYS B 417 16.17 31.88 -17.48
C LYS B 417 16.68 31.93 -16.04
N VAL B 418 16.85 33.12 -15.46
CA VAL B 418 17.09 33.19 -14.02
C VAL B 418 15.85 33.74 -13.30
N THR B 419 15.93 33.81 -11.97
CA THR B 419 14.94 34.56 -11.22
C THR B 419 15.70 35.50 -10.30
N HIS B 420 15.70 36.76 -10.69
CA HIS B 420 16.21 37.84 -9.87
C HIS B 420 15.07 38.80 -9.51
N ASN B 421 15.21 39.43 -8.33
CA ASN B 421 14.41 40.55 -7.85
C ASN B 421 12.90 40.37 -8.10
N GLY B 422 12.38 39.15 -8.06
CA GLY B 422 10.94 38.95 -8.14
C GLY B 422 10.48 38.51 -9.53
N ALA B 423 11.32 38.73 -10.53
CA ALA B 423 10.92 38.35 -11.87
C ALA B 423 11.86 37.26 -12.37
N THR B 424 11.36 36.47 -13.33
CA THR B 424 12.13 35.59 -14.19
C THR B 424 12.55 36.39 -15.42
N TRP B 425 13.84 36.33 -15.77
CA TRP B 425 14.37 37.00 -16.95
C TRP B 425 15.21 36.03 -17.79
N THR B 426 15.12 36.15 -19.12
CA THR B 426 15.93 35.37 -20.05
C THR B 426 17.19 36.11 -20.53
N ALA B 427 18.28 35.36 -20.71
CA ALA B 427 19.53 35.85 -21.31
C ALA B 427 19.47 35.88 -22.85
N GLN B 428 19.95 36.98 -23.44
CA GLN B 428 19.94 37.15 -24.89
C GLN B 428 21.30 36.76 -25.51
N TRP B 429 22.33 36.66 -24.66
CA TRP B 429 23.67 36.19 -25.01
C TRP B 429 24.48 35.98 -23.73
N TRP B 430 25.77 35.74 -23.89
CA TRP B 430 26.53 35.21 -22.78
C TRP B 430 26.69 36.35 -21.79
N THR B 431 26.46 36.07 -20.51
CA THR B 431 26.60 37.15 -19.56
C THR B 431 27.24 36.61 -18.30
N LYS B 432 27.91 37.49 -17.57
CA LYS B 432 28.41 37.19 -16.24
C LYS B 432 28.62 38.51 -15.48
N GLY B 433 27.82 38.71 -14.40
CA GLY B 433 27.94 39.91 -13.56
C GLY B 433 27.10 41.10 -14.04
N GLU B 434 26.13 40.89 -14.94
CA GLU B 434 25.13 41.91 -15.23
C GLU B 434 23.83 41.55 -14.49
N GLU B 435 23.55 42.26 -13.39
CA GLU B 435 22.30 42.09 -12.63
C GLU B 435 21.13 42.30 -13.55
N PRO B 436 20.18 41.36 -13.72
CA PRO B 436 19.05 41.59 -14.62
C PRO B 436 18.28 42.79 -14.05
N GLY B 437 17.65 43.55 -14.96
CA GLY B 437 16.95 44.75 -14.59
C GLY B 437 17.88 45.95 -14.49
N THR B 438 19.11 45.81 -15.02
CA THR B 438 20.04 46.92 -15.20
C THR B 438 20.52 47.05 -16.65
N THR B 439 20.02 46.24 -17.56
CA THR B 439 20.50 46.20 -18.93
C THR B 439 19.68 47.14 -19.80
N GLY B 440 18.66 47.76 -19.20
CA GLY B 440 17.62 48.48 -19.91
C GLY B 440 16.99 47.68 -21.06
N GLU B 441 16.27 48.43 -21.90
CA GLU B 441 15.47 47.87 -22.97
C GLU B 441 16.20 46.85 -23.84
N TRP B 442 17.48 47.09 -24.20
CA TRP B 442 18.12 46.24 -25.21
C TRP B 442 19.45 45.69 -24.73
N GLY B 443 19.40 44.74 -23.81
CA GLY B 443 20.56 44.26 -23.08
C GLY B 443 20.41 42.77 -22.86
N VAL B 444 21.40 42.18 -22.20
CA VAL B 444 21.41 40.73 -22.12
C VAL B 444 20.10 40.21 -21.53
N TRP B 445 19.65 40.80 -20.42
CA TRP B 445 18.50 40.28 -19.69
C TRP B 445 17.24 40.98 -20.19
N ARG B 446 16.22 40.16 -20.48
CA ARG B 446 14.97 40.68 -21.01
C ARG B 446 13.76 39.98 -20.33
#